data_8G04
#
_entry.id   8G04
#
_cell.length_a   1.00
_cell.length_b   1.00
_cell.length_c   1.00
_cell.angle_alpha   90.00
_cell.angle_beta   90.00
_cell.angle_gamma   90.00
#
_symmetry.space_group_name_H-M   'P 1'
#
loop_
_entity.id
_entity.type
_entity.pdbx_description
1 polymer Thrombopoietin
2 polymer 'Thrombopoietin receptor'
3 non-polymer 2-acetamido-2-deoxy-beta-D-glucopyranose
4 non-polymer alpha-D-mannopyranose
#
loop_
_entity_poly.entity_id
_entity_poly.type
_entity_poly.pdbx_seq_one_letter_code
_entity_poly.pdbx_strand_id
1 'polypeptide(L)'
;DYKDDDDGSPAPPACDLRVLSKLLRDSHVLHSRLSQCPEVHPLPTPVLLPAVDFSLGEWKTQMEETKAQDILGAVTLLLE
GVMAARGQLGPTCLSSLLGQLSGQVRLLLGALQSLLGTQLPPQGRTTAHKDPNAIFLSFQHLLRGKVRFLMLVGGSTLCV
RRAPPTTAVPS
;
A
2 'polypeptide(L)'
;(PCA)DVSLLASDSEPLKCFSRTFEDLTCFWDEEEAAPSGTYQLLYAYPREKPRACPLSSQSMPHFGTRYVCQFPDQEEV
RLFFPLHLWVKNVFLNQTRTQRVLFVDSVGLPAPPSIIKAMGGSQPGELQISWEEPAPEISDFLRYELRYGPRDPKNSTG
PTVIQLIATETCCPALQRPHSASALDQSPCAQPTMPWQDGPKQTSPSREASALTAEGGSCLISGLQPGNSYWLQLRSEPD
GISLGGSWGSWSLPVTVDLPGDAVALGLQCFTLDLKNVTCQWQQQDHASSQGFFYHSRARCCPRDRYPIWENCEEEEKTN
PGLQTPQFSRCHFKSRNDSIIHILVEVTTAPGTVHSYLGSPFWIHQAVRLPTPNLHWREISSGHLELEWQHPSSWAAQET
CYQLRYTGEGHQDWKVLEPPLGARGGTLELRPRSRYRLQLRARLNGPTYQGPWSSWSDPTRVETATETAWISLVTALHLV
LGLSAVLGLLLLRWQFPAHYRRLRHALWPSLPDLHRVLGQYLRDTAALSPPKATVSDTCEEVEPSLLEILPKSSERTPLP
LCSSQAQMDYRRLQPSCLGTMPLSVCPPMAESGSCCTTHIANHSYLPLSYWQQPAAAGAAEDQVDPRLIDGKHHHHHHHH
;
B,C
#
loop_
_chem_comp.id
_chem_comp.type
_chem_comp.name
_chem_comp.formula
MAN D-saccharide, alpha linking alpha-D-mannopyranose 'C6 H12 O6'
NAG D-saccharide, beta linking 2-acetamido-2-deoxy-beta-D-glucopyranose 'C8 H15 N O6'
#
# COMPACT_ATOMS: atom_id res chain seq x y z
N PRO A 10 -18.80 20.38 4.36
CA PRO A 10 -18.68 19.15 5.13
C PRO A 10 -19.57 18.04 4.61
N ALA A 11 -18.96 16.97 4.10
CA ALA A 11 -19.72 15.85 3.57
C ALA A 11 -20.44 15.12 4.69
N PRO A 12 -21.62 14.56 4.42
CA PRO A 12 -22.32 13.82 5.45
C PRO A 12 -21.53 12.59 5.87
N PRO A 13 -21.63 12.19 7.13
CA PRO A 13 -20.87 11.01 7.59
C PRO A 13 -21.24 9.73 6.88
N ALA A 14 -22.45 9.62 6.33
CA ALA A 14 -22.86 8.41 5.65
C ALA A 14 -21.98 8.10 4.45
N CYS A 15 -21.44 9.13 3.81
CA CYS A 15 -20.60 8.94 2.64
C CYS A 15 -19.13 8.69 3.00
N ASP A 16 -18.85 8.30 4.24
CA ASP A 16 -17.54 7.82 4.64
C ASP A 16 -17.64 6.31 4.81
N LEU A 17 -16.90 5.58 3.98
CA LEU A 17 -17.04 4.12 3.93
C LEU A 17 -16.58 3.44 5.22
N ARG A 18 -15.77 4.12 6.03
CA ARG A 18 -15.29 3.51 7.26
C ARG A 18 -16.42 3.29 8.27
N VAL A 19 -17.43 4.17 8.26
CA VAL A 19 -18.54 4.02 9.20
C VAL A 19 -19.32 2.74 8.90
N LEU A 20 -19.61 2.48 7.63
CA LEU A 20 -20.35 1.28 7.26
C LEU A 20 -19.54 0.03 7.56
N SER A 21 -18.24 0.06 7.30
CA SER A 21 -17.38 -1.09 7.62
C SER A 21 -17.36 -1.34 9.12
N LYS A 22 -17.28 -0.27 9.93
CA LYS A 22 -17.34 -0.43 11.37
C LYS A 22 -18.66 -1.02 11.81
N LEU A 23 -19.76 -0.56 11.21
CA LEU A 23 -21.08 -1.12 11.54
C LEU A 23 -21.13 -2.61 11.22
N LEU A 24 -20.63 -3.00 10.05
CA LEU A 24 -20.63 -4.41 9.67
C LEU A 24 -19.79 -5.23 10.64
N ARG A 25 -18.61 -4.74 10.98
CA ARG A 25 -17.73 -5.46 11.90
C ARG A 25 -18.36 -5.63 13.27
N ASP A 26 -18.95 -4.55 13.80
CA ASP A 26 -19.58 -4.63 15.11
C ASP A 26 -20.78 -5.55 15.10
N SER A 27 -21.58 -5.52 14.02
CA SER A 27 -22.72 -6.42 13.92
C SER A 27 -22.27 -7.86 13.87
N HIS A 28 -21.21 -8.15 13.11
CA HIS A 28 -20.68 -9.52 13.05
C HIS A 28 -20.20 -9.97 14.42
N VAL A 29 -19.49 -9.09 15.14
CA VAL A 29 -18.99 -9.44 16.47
C VAL A 29 -20.15 -9.71 17.42
N LEU A 30 -21.19 -8.87 17.36
CA LEU A 30 -22.33 -9.05 18.24
C LEU A 30 -23.07 -10.34 17.94
N HIS A 31 -23.23 -10.68 16.66
CA HIS A 31 -23.89 -11.92 16.30
C HIS A 31 -23.07 -13.12 16.74
N SER A 32 -21.74 -13.03 16.64
CA SER A 32 -20.89 -14.09 17.16
C SER A 32 -21.05 -14.23 18.67
N ARG A 33 -21.11 -13.10 19.39
CA ARG A 33 -21.34 -13.13 20.82
C ARG A 33 -22.69 -13.73 21.19
N LEU A 34 -23.69 -13.57 20.32
CA LEU A 34 -25.03 -14.07 20.62
C LEU A 34 -25.02 -15.57 20.92
N SER A 35 -24.17 -16.32 20.23
CA SER A 35 -24.12 -17.77 20.40
C SER A 35 -23.59 -18.20 21.76
N GLN A 36 -22.99 -17.28 22.53
CA GLN A 36 -22.37 -17.65 23.80
C GLN A 36 -23.35 -17.71 24.96
N CYS A 37 -24.58 -17.23 24.78
CA CYS A 37 -25.56 -17.26 25.86
C CYS A 37 -26.58 -18.37 25.58
N PRO A 38 -26.60 -19.45 26.36
CA PRO A 38 -27.50 -20.57 26.06
C PRO A 38 -28.96 -20.33 26.43
N GLU A 39 -29.27 -19.21 27.08
CA GLU A 39 -30.64 -18.94 27.51
C GLU A 39 -31.51 -18.34 26.40
N VAL A 40 -31.11 -18.48 25.15
CA VAL A 40 -31.90 -17.96 24.05
C VAL A 40 -33.14 -18.83 23.84
N HIS A 41 -34.29 -18.19 23.75
CA HIS A 41 -35.57 -18.88 23.58
C HIS A 41 -36.43 -18.06 22.65
N PRO A 42 -37.43 -18.67 22.00
CA PRO A 42 -38.34 -17.89 21.15
C PRO A 42 -39.05 -16.80 21.94
N LEU A 43 -39.21 -15.65 21.31
CA LEU A 43 -39.85 -14.52 21.97
C LEU A 43 -41.33 -14.81 22.20
N PRO A 44 -41.89 -14.37 23.33
CA PRO A 44 -43.33 -14.62 23.58
C PRO A 44 -44.24 -14.02 22.53
N THR A 45 -43.87 -12.88 21.94
CA THR A 45 -44.69 -12.21 20.95
C THR A 45 -43.87 -11.95 19.70
N PRO A 46 -44.34 -12.34 18.52
CA PRO A 46 -43.60 -12.06 17.29
C PRO A 46 -43.50 -10.56 17.03
N VAL A 47 -42.40 -10.16 16.40
CA VAL A 47 -42.13 -8.76 16.11
C VAL A 47 -42.07 -8.58 14.61
N LEU A 48 -42.23 -7.32 14.18
CA LEU A 48 -42.21 -6.98 12.76
C LEU A 48 -40.80 -6.65 12.32
N LEU A 49 -40.40 -7.21 11.17
CA LEU A 49 -39.08 -7.01 10.60
C LEU A 49 -39.23 -6.56 9.16
N PRO A 50 -38.28 -5.75 8.67
CA PRO A 50 -38.40 -5.23 7.29
C PRO A 50 -38.17 -6.29 6.24
N ALA A 51 -38.23 -5.89 4.97
CA ALA A 51 -37.97 -6.80 3.85
C ALA A 51 -36.65 -6.40 3.20
N VAL A 52 -35.72 -7.35 3.13
CA VAL A 52 -34.39 -7.07 2.62
C VAL A 52 -34.12 -7.74 1.28
N ASP A 53 -34.91 -8.72 0.87
CA ASP A 53 -34.68 -9.42 -0.39
C ASP A 53 -34.94 -8.51 -1.58
N PHE A 54 -34.14 -8.70 -2.62
CA PHE A 54 -34.29 -7.94 -3.87
C PHE A 54 -33.58 -8.69 -4.97
N SER A 55 -33.90 -8.33 -6.21
CA SER A 55 -33.29 -8.92 -7.39
C SER A 55 -32.62 -7.83 -8.22
N LEU A 56 -31.50 -8.18 -8.85
CA LEU A 56 -30.73 -7.19 -9.59
C LEU A 56 -31.51 -6.60 -10.76
N GLY A 57 -32.29 -7.44 -11.46
CA GLY A 57 -33.12 -6.92 -12.54
C GLY A 57 -34.12 -5.89 -12.03
N GLU A 58 -34.75 -6.17 -10.90
CA GLU A 58 -35.61 -5.18 -10.27
C GLU A 58 -34.81 -3.99 -9.74
N TRP A 59 -33.60 -4.26 -9.21
CA TRP A 59 -32.81 -3.21 -8.60
C TRP A 59 -32.40 -2.14 -9.61
N LYS A 60 -32.01 -2.56 -10.82
CA LYS A 60 -31.54 -1.60 -11.82
C LYS A 60 -32.66 -0.73 -12.35
N THR A 61 -33.92 -1.14 -12.20
CA THR A 61 -35.05 -0.36 -12.71
C THR A 61 -35.35 0.84 -11.82
N GLN A 62 -35.22 0.70 -10.51
CA GLN A 62 -35.58 1.76 -9.58
C GLN A 62 -34.61 2.92 -9.66
N MET A 63 -35.09 4.10 -9.27
CA MET A 63 -34.29 5.31 -9.24
C MET A 63 -33.67 5.52 -7.85
N GLU A 64 -32.77 6.49 -7.78
CA GLU A 64 -32.03 6.73 -6.54
C GLU A 64 -32.96 7.12 -5.39
N GLU A 65 -33.93 8.00 -5.66
CA GLU A 65 -34.80 8.49 -4.59
C GLU A 65 -35.63 7.36 -3.99
N THR A 66 -36.17 6.47 -4.84
CA THR A 66 -36.94 5.35 -4.33
C THR A 66 -36.08 4.43 -3.48
N LYS A 67 -34.84 4.18 -3.92
CA LYS A 67 -33.93 3.37 -3.13
C LYS A 67 -33.66 4.00 -1.77
N ALA A 68 -33.41 5.30 -1.74
CA ALA A 68 -33.13 5.98 -0.48
C ALA A 68 -34.33 5.93 0.46
N GLN A 69 -35.53 6.15 -0.07
CA GLN A 69 -36.72 6.07 0.75
C GLN A 69 -36.90 4.67 1.32
N ASP A 70 -36.69 3.64 0.48
CA ASP A 70 -36.79 2.27 0.97
C ASP A 70 -35.78 1.98 2.06
N ILE A 71 -34.55 2.50 1.91
CA ILE A 71 -33.53 2.28 2.94
C ILE A 71 -33.95 2.92 4.25
N LEU A 72 -34.42 4.16 4.20
CA LEU A 72 -34.83 4.85 5.41
C LEU A 72 -35.99 4.12 6.09
N GLY A 73 -36.99 3.70 5.29
CA GLY A 73 -38.12 2.99 5.87
C GLY A 73 -37.71 1.67 6.50
N ALA A 74 -36.84 0.91 5.82
CA ALA A 74 -36.40 -0.37 6.35
C ALA A 74 -35.63 -0.19 7.64
N VAL A 75 -34.74 0.80 7.69
CA VAL A 75 -33.96 1.02 8.91
C VAL A 75 -34.85 1.45 10.06
N THR A 76 -35.80 2.36 9.80
CA THR A 76 -36.71 2.80 10.86
C THR A 76 -37.56 1.64 11.37
N LEU A 77 -38.08 0.81 10.47
CA LEU A 77 -38.88 -0.33 10.89
C LEU A 77 -38.04 -1.33 11.66
N LEU A 78 -36.79 -1.54 11.25
CA LEU A 78 -35.91 -2.44 11.99
C LEU A 78 -35.66 -1.93 13.41
N LEU A 79 -35.41 -0.63 13.55
CA LEU A 79 -35.21 -0.06 14.88
C LEU A 79 -36.46 -0.21 15.73
N GLU A 80 -37.63 0.04 15.14
CA GLU A 80 -38.88 -0.13 15.88
C GLU A 80 -39.07 -1.57 16.32
N GLY A 81 -38.74 -2.52 15.44
CA GLY A 81 -38.85 -3.93 15.81
C GLY A 81 -37.90 -4.32 16.93
N VAL A 82 -36.67 -3.82 16.88
CA VAL A 82 -35.72 -4.10 17.95
C VAL A 82 -36.21 -3.54 19.28
N MET A 83 -36.72 -2.31 19.26
CA MET A 83 -37.23 -1.71 20.50
C MET A 83 -38.42 -2.48 21.03
N ALA A 84 -39.32 -2.93 20.15
CA ALA A 84 -40.45 -3.72 20.60
C ALA A 84 -40.01 -5.06 21.17
N ALA A 85 -39.02 -5.70 20.53
CA ALA A 85 -38.56 -7.00 21.00
C ALA A 85 -37.87 -6.91 22.35
N ARG A 86 -37.10 -5.83 22.57
CA ARG A 86 -36.36 -5.71 23.82
C ARG A 86 -37.29 -5.64 25.03
N GLY A 87 -38.53 -5.18 24.84
CA GLY A 87 -39.46 -5.09 25.94
C GLY A 87 -39.97 -6.42 26.45
N GLN A 88 -39.86 -7.48 25.65
CA GLN A 88 -40.37 -8.79 26.02
C GLN A 88 -39.43 -9.57 26.94
N LEU A 89 -38.23 -9.07 27.19
CA LEU A 89 -37.22 -9.80 27.94
C LEU A 89 -37.12 -9.29 29.37
N GLY A 90 -36.26 -9.95 30.15
CA GLY A 90 -35.97 -9.52 31.50
C GLY A 90 -34.60 -8.88 31.59
N PRO A 91 -33.93 -9.02 32.74
CA PRO A 91 -32.58 -8.48 32.89
C PRO A 91 -31.51 -9.41 32.34
N THR A 92 -31.91 -10.39 31.52
CA THR A 92 -31.01 -11.45 31.10
C THR A 92 -30.01 -10.93 30.05
N CYS A 93 -29.20 -11.87 29.53
CA CYS A 93 -28.19 -11.53 28.54
C CYS A 93 -28.81 -10.99 27.26
N LEU A 94 -29.92 -11.60 26.82
CA LEU A 94 -30.53 -11.20 25.57
C LEU A 94 -30.97 -9.75 25.59
N SER A 95 -31.38 -9.25 26.76
CA SER A 95 -31.74 -7.84 26.86
C SER A 95 -30.54 -6.93 26.58
N SER A 96 -29.38 -7.27 27.15
CA SER A 96 -28.18 -6.47 26.89
C SER A 96 -27.77 -6.56 25.43
N LEU A 97 -27.85 -7.76 24.85
CA LEU A 97 -27.48 -7.91 23.44
C LEU A 97 -28.42 -7.09 22.55
N LEU A 98 -29.72 -7.13 22.83
CA LEU A 98 -30.67 -6.36 22.04
C LEU A 98 -30.50 -4.86 22.26
N GLY A 99 -30.08 -4.45 23.46
CA GLY A 99 -29.79 -3.04 23.68
C GLY A 99 -28.61 -2.57 22.86
N GLN A 100 -27.54 -3.36 22.82
CA GLN A 100 -26.40 -3.02 21.98
C GLN A 100 -26.78 -3.01 20.50
N LEU A 101 -27.62 -3.97 20.09
CA LEU A 101 -28.10 -3.99 18.72
C LEU A 101 -28.92 -2.75 18.40
N SER A 102 -29.78 -2.33 19.34
CA SER A 102 -30.56 -1.12 19.14
C SER A 102 -29.66 0.10 19.03
N GLY A 103 -28.60 0.15 19.84
CA GLY A 103 -27.64 1.25 19.72
C GLY A 103 -26.99 1.29 18.36
N GLN A 104 -26.57 0.13 17.84
CA GLN A 104 -25.96 0.09 16.52
C GLN A 104 -26.95 0.49 15.43
N VAL A 105 -28.19 0.02 15.54
CA VAL A 105 -29.21 0.37 14.55
C VAL A 105 -29.50 1.87 14.60
N ARG A 106 -29.51 2.45 15.80
CA ARG A 106 -29.70 3.90 15.92
C ARG A 106 -28.53 4.66 15.31
N LEU A 107 -27.32 4.14 15.47
CA LEU A 107 -26.17 4.75 14.81
C LEU A 107 -26.34 4.73 13.29
N LEU A 108 -26.77 3.59 12.75
CA LEU A 108 -27.01 3.50 11.31
C LEU A 108 -28.09 4.47 10.87
N LEU A 109 -29.17 4.56 11.65
CA LEU A 109 -30.27 5.45 11.30
C LEU A 109 -29.83 6.91 11.30
N GLY A 110 -29.04 7.30 12.31
CA GLY A 110 -28.54 8.67 12.34
C GLY A 110 -27.61 8.97 11.17
N ALA A 111 -26.72 8.02 10.85
CA ALA A 111 -25.83 8.22 9.71
C ALA A 111 -26.61 8.38 8.42
N LEU A 112 -27.66 7.58 8.24
CA LEU A 112 -28.47 7.70 7.03
C LEU A 112 -29.24 9.01 7.00
N GLN A 113 -29.87 9.37 8.13
CA GLN A 113 -30.65 10.61 8.16
C GLN A 113 -29.79 11.84 7.94
N SER A 114 -28.50 11.77 8.30
CA SER A 114 -27.62 12.91 8.07
C SER A 114 -27.42 13.17 6.58
N LEU A 115 -27.79 12.24 5.71
CA LEU A 115 -27.58 12.35 4.28
C LEU A 115 -28.86 12.36 3.46
N LEU A 116 -29.86 11.54 3.84
CA LEU A 116 -31.05 11.36 3.04
C LEU A 116 -32.26 12.13 3.55
N GLY A 117 -32.08 13.00 4.54
CA GLY A 117 -33.20 13.73 5.09
C GLY A 117 -33.99 12.90 6.08
N THR A 118 -35.21 13.37 6.35
CA THR A 118 -36.10 12.72 7.32
C THR A 118 -37.46 12.35 6.73
N GLN A 119 -37.63 12.49 5.42
CA GLN A 119 -38.91 12.19 4.77
C GLN A 119 -39.07 10.69 4.65
N LEU A 120 -39.64 10.08 5.69
CA LEU A 120 -39.82 8.63 5.69
C LEU A 120 -40.99 8.24 4.79
N PRO A 121 -40.89 7.09 4.13
CA PRO A 121 -41.97 6.63 3.25
C PRO A 121 -43.02 5.89 4.05
N PRO A 122 -44.09 5.37 3.40
CA PRO A 122 -45.03 4.51 4.12
C PRO A 122 -44.38 3.21 4.59
N GLN A 123 -45.15 2.41 5.33
CA GLN A 123 -44.60 1.22 5.98
C GLN A 123 -44.09 0.22 4.95
N GLY A 124 -44.90 -0.09 3.95
CA GLY A 124 -44.50 -1.03 2.92
C GLY A 124 -44.65 -2.48 3.36
N ARG A 125 -44.04 -3.37 2.57
CA ARG A 125 -44.13 -4.80 2.82
C ARG A 125 -43.34 -5.17 4.07
N THR A 126 -43.96 -5.98 4.94
CA THR A 126 -43.37 -6.36 6.22
C THR A 126 -43.51 -7.87 6.41
N THR A 127 -42.83 -8.37 7.44
CA THR A 127 -42.88 -9.78 7.80
C THR A 127 -42.64 -9.92 9.29
N ALA A 128 -43.03 -11.06 9.84
CA ALA A 128 -42.93 -11.32 11.27
C ALA A 128 -41.94 -12.45 11.53
N HIS A 129 -41.41 -12.46 12.75
CA HIS A 129 -40.45 -13.48 13.18
C HIS A 129 -40.57 -13.67 14.68
N LYS A 130 -40.09 -14.82 15.16
CA LYS A 130 -40.14 -15.16 16.57
C LYS A 130 -38.76 -15.34 17.19
N ASP A 131 -37.89 -16.10 16.54
CA ASP A 131 -36.58 -16.40 17.13
C ASP A 131 -35.73 -15.13 17.20
N PRO A 132 -35.01 -14.93 18.30
CA PRO A 132 -34.17 -13.72 18.41
C PRO A 132 -33.08 -13.62 17.36
N ASN A 133 -32.60 -14.75 16.83
CA ASN A 133 -31.58 -14.72 15.80
C ASN A 133 -32.06 -14.05 14.52
N ALA A 134 -33.37 -14.02 14.29
CA ALA A 134 -33.90 -13.40 13.08
C ALA A 134 -33.61 -11.91 13.04
N ILE A 135 -33.64 -11.24 14.19
CA ILE A 135 -33.37 -9.80 14.22
C ILE A 135 -31.93 -9.51 13.81
N PHE A 136 -30.99 -10.26 14.39
CA PHE A 136 -29.58 -10.08 14.03
C PHE A 136 -29.35 -10.43 12.56
N LEU A 137 -29.96 -11.50 12.08
CA LEU A 137 -29.80 -11.88 10.68
C LEU A 137 -30.36 -10.81 9.75
N SER A 138 -31.51 -10.22 10.11
CA SER A 138 -32.09 -9.17 9.31
C SER A 138 -31.23 -7.92 9.29
N PHE A 139 -30.65 -7.57 10.44
CA PHE A 139 -29.75 -6.42 10.46
C PHE A 139 -28.52 -6.67 9.61
N GLN A 140 -27.94 -7.87 9.69
CA GLN A 140 -26.79 -8.20 8.85
C GLN A 140 -27.16 -8.15 7.37
N HIS A 141 -28.33 -8.69 7.01
CA HIS A 141 -28.77 -8.64 5.63
C HIS A 141 -28.98 -7.21 5.16
N LEU A 142 -29.57 -6.36 6.00
CA LEU A 142 -29.78 -4.97 5.63
C LEU A 142 -28.46 -4.24 5.43
N LEU A 143 -27.47 -4.53 6.27
CA LEU A 143 -26.17 -3.89 6.10
C LEU A 143 -25.45 -4.38 4.86
N ARG A 144 -25.47 -5.70 4.61
CA ARG A 144 -24.73 -6.26 3.50
C ARG A 144 -25.43 -6.08 2.16
N GLY A 145 -26.73 -5.82 2.16
CA GLY A 145 -27.49 -5.81 0.93
C GLY A 145 -27.79 -4.43 0.40
N LYS A 146 -29.01 -3.95 0.63
CA LYS A 146 -29.49 -2.74 -0.04
C LYS A 146 -28.64 -1.53 0.33
N VAL A 147 -28.27 -1.38 1.59
CA VAL A 147 -27.53 -0.20 2.03
C VAL A 147 -26.18 -0.13 1.32
N ARG A 148 -25.43 -1.24 1.36
CA ARG A 148 -24.11 -1.23 0.73
C ARG A 148 -24.24 -1.14 -0.79
N PHE A 149 -25.27 -1.76 -1.37
CA PHE A 149 -25.51 -1.65 -2.80
C PHE A 149 -25.69 -0.19 -3.19
N LEU A 150 -26.53 0.54 -2.46
CA LEU A 150 -26.72 1.95 -2.74
C LEU A 150 -25.43 2.73 -2.58
N MET A 151 -24.76 2.57 -1.44
CA MET A 151 -23.58 3.38 -1.13
C MET A 151 -22.40 3.05 -2.03
N LEU A 152 -22.41 1.91 -2.71
CA LEU A 152 -21.31 1.56 -3.61
C LEU A 152 -21.64 1.83 -5.07
N VAL A 153 -22.79 1.36 -5.56
CA VAL A 153 -23.16 1.57 -6.95
C VAL A 153 -23.45 3.04 -7.22
N GLY A 154 -24.16 3.70 -6.30
CA GLY A 154 -24.47 5.10 -6.51
C GLY A 154 -23.24 5.98 -6.56
N GLY A 155 -22.30 5.77 -5.64
CA GLY A 155 -21.08 6.54 -5.65
C GLY A 155 -21.32 7.99 -5.29
N SER A 156 -20.88 8.89 -6.16
CA SER A 156 -20.91 10.32 -5.86
C SER A 156 -22.27 10.97 -6.12
N THR A 157 -23.23 10.25 -6.70
CA THR A 157 -24.53 10.86 -6.96
C THR A 157 -25.28 11.19 -5.68
N LEU A 158 -25.03 10.46 -4.60
CA LEU A 158 -25.66 10.79 -3.32
C LEU A 158 -24.98 11.99 -2.65
N CYS A 159 -23.69 12.20 -2.91
CA CYS A 159 -22.93 13.23 -2.21
C CYS A 159 -21.79 13.68 -3.09
N VAL A 160 -21.91 14.88 -3.66
CA VAL A 160 -20.90 15.51 -4.51
C VAL A 160 -20.27 14.52 -5.49
N PCA B 1 -23.05 -27.46 -16.78
CA PCA B 1 -22.76 -28.28 -15.62
CB PCA B 1 -23.99 -29.04 -15.15
CG PCA B 1 -24.93 -29.04 -16.34
CD PCA B 1 -24.37 -27.96 -17.20
OE PCA B 1 -24.99 -27.51 -18.16
C PCA B 1 -21.65 -29.28 -15.94
O PCA B 1 -21.46 -30.24 -15.20
N ASP B 2 -20.65 -28.80 -16.69
CA ASP B 2 -19.57 -29.66 -17.15
C ASP B 2 -18.60 -30.04 -16.03
N VAL B 3 -17.67 -30.94 -16.34
CA VAL B 3 -16.74 -31.43 -15.33
C VAL B 3 -15.84 -30.30 -14.84
N SER B 4 -15.46 -29.39 -15.73
CA SER B 4 -14.63 -28.27 -15.34
C SER B 4 -15.34 -27.33 -14.36
N LEU B 5 -16.65 -27.44 -14.25
CA LEU B 5 -17.43 -26.64 -13.30
C LEU B 5 -17.59 -27.33 -11.95
N LEU B 6 -16.67 -28.21 -11.59
CA LEU B 6 -16.75 -28.99 -10.35
C LEU B 6 -15.84 -28.43 -9.27
N ALA B 7 -15.68 -27.10 -9.22
CA ALA B 7 -14.93 -26.48 -8.14
C ALA B 7 -15.69 -26.52 -6.82
N SER B 8 -16.99 -26.82 -6.86
CA SER B 8 -17.78 -26.93 -5.65
C SER B 8 -17.40 -28.20 -4.88
N ASP B 9 -17.68 -28.19 -3.58
CA ASP B 9 -17.29 -29.31 -2.73
C ASP B 9 -18.14 -29.30 -1.46
N SER B 10 -18.18 -30.48 -0.81
CA SER B 10 -18.69 -30.62 0.56
C SER B 10 -20.19 -30.32 0.65
N GLU B 11 -20.95 -30.83 -0.32
CA GLU B 11 -22.41 -30.72 -0.29
C GLU B 11 -22.99 -31.91 -1.03
N PRO B 12 -24.14 -32.43 -0.58
CA PRO B 12 -24.80 -33.51 -1.33
C PRO B 12 -25.56 -32.97 -2.54
N LEU B 13 -26.01 -31.73 -2.44
CA LEU B 13 -26.72 -31.04 -3.52
C LEU B 13 -26.03 -29.71 -3.76
N LYS B 14 -25.12 -29.68 -4.72
CA LYS B 14 -24.31 -28.49 -4.99
C LYS B 14 -25.07 -27.54 -5.89
N CYS B 15 -25.05 -26.25 -5.54
CA CYS B 15 -25.66 -25.21 -6.35
C CYS B 15 -24.63 -24.11 -6.59
N PHE B 16 -24.83 -23.36 -7.66
CA PHE B 16 -23.92 -22.28 -8.00
C PHE B 16 -24.61 -21.30 -8.93
N SER B 17 -24.29 -20.02 -8.76
CA SER B 17 -24.85 -18.94 -9.56
C SER B 17 -23.70 -18.18 -10.22
N ARG B 18 -23.86 -17.86 -11.51
CA ARG B 18 -22.78 -17.23 -12.25
C ARG B 18 -22.89 -15.71 -12.27
N THR B 19 -24.08 -15.17 -12.54
CA THR B 19 -24.29 -13.74 -12.61
C THR B 19 -25.22 -13.24 -11.51
N PHE B 20 -25.49 -14.06 -10.50
CA PHE B 20 -26.44 -13.76 -9.43
C PHE B 20 -27.83 -13.42 -9.97
N GLU B 21 -28.09 -13.82 -11.22
CA GLU B 21 -29.41 -13.74 -11.81
C GLU B 21 -29.89 -15.09 -12.33
N ASP B 22 -29.08 -16.14 -12.21
CA ASP B 22 -29.40 -17.48 -12.66
C ASP B 22 -28.99 -18.47 -11.58
N LEU B 23 -29.60 -19.65 -11.61
CA LEU B 23 -29.29 -20.68 -10.62
C LEU B 23 -29.38 -22.05 -11.28
N THR B 24 -28.58 -22.97 -10.77
CA THR B 24 -28.58 -24.34 -11.26
C THR B 24 -27.99 -25.26 -10.20
N CYS B 25 -28.76 -26.28 -9.82
CA CYS B 25 -28.36 -27.25 -8.81
C CYS B 25 -28.30 -28.63 -9.43
N PHE B 26 -27.44 -29.48 -8.89
CA PHE B 26 -27.27 -30.82 -9.42
C PHE B 26 -26.86 -31.77 -8.31
N TRP B 27 -27.15 -33.06 -8.52
CA TRP B 27 -26.71 -34.12 -7.64
C TRP B 27 -26.45 -35.35 -8.48
N ASP B 28 -25.52 -36.19 -8.02
CA ASP B 28 -25.11 -37.38 -8.74
C ASP B 28 -25.28 -38.61 -7.87
N GLU B 29 -25.82 -39.68 -8.47
CA GLU B 29 -26.05 -40.93 -7.79
C GLU B 29 -25.34 -42.05 -8.55
N GLU B 30 -24.61 -42.89 -7.81
CA GLU B 30 -23.79 -43.92 -8.45
C GLU B 30 -24.61 -45.09 -8.96
N GLU B 31 -25.84 -45.25 -8.51
CA GLU B 31 -26.67 -46.36 -8.94
C GLU B 31 -27.23 -46.10 -10.34
N ALA B 32 -28.12 -47.00 -10.77
CA ALA B 32 -28.73 -46.89 -12.09
C ALA B 32 -29.66 -45.69 -12.17
N ALA B 33 -30.21 -45.46 -13.35
CA ALA B 33 -31.06 -44.29 -13.62
C ALA B 33 -32.36 -44.72 -14.25
N PRO B 34 -33.31 -45.21 -13.45
CA PRO B 34 -34.66 -45.43 -13.97
C PRO B 34 -35.31 -44.12 -14.40
N SER B 35 -36.16 -44.20 -15.41
CA SER B 35 -36.71 -43.01 -16.03
C SER B 35 -37.76 -42.35 -15.12
N GLY B 36 -37.66 -41.03 -14.98
CA GLY B 36 -38.66 -40.26 -14.26
C GLY B 36 -38.73 -40.53 -12.78
N THR B 37 -37.67 -41.10 -12.19
CA THR B 37 -37.73 -41.48 -10.78
C THR B 37 -37.62 -40.27 -9.86
N TYR B 38 -36.72 -39.34 -10.16
CA TYR B 38 -36.39 -38.25 -9.25
C TYR B 38 -36.89 -36.92 -9.80
N GLN B 39 -37.46 -36.11 -8.91
CA GLN B 39 -37.87 -34.74 -9.21
C GLN B 39 -37.23 -33.80 -8.21
N LEU B 40 -36.88 -32.60 -8.67
CA LEU B 40 -36.33 -31.57 -7.82
C LEU B 40 -37.41 -30.54 -7.53
N LEU B 41 -37.51 -30.14 -6.26
CA LEU B 41 -38.49 -29.16 -5.82
C LEU B 41 -37.79 -27.95 -5.24
N TYR B 42 -38.45 -26.80 -5.33
CA TYR B 42 -37.91 -25.56 -4.78
C TYR B 42 -39.07 -24.66 -4.41
N ALA B 43 -38.82 -23.76 -3.46
CA ALA B 43 -39.86 -22.84 -3.01
C ALA B 43 -39.22 -21.71 -2.21
N TYR B 44 -39.51 -20.47 -2.61
CA TYR B 44 -39.15 -19.33 -1.80
C TYR B 44 -40.09 -19.27 -0.59
N PRO B 45 -39.70 -18.52 0.45
CA PRO B 45 -40.43 -18.64 1.74
C PRO B 45 -41.93 -18.38 1.66
N ARG B 46 -42.44 -17.81 0.57
CA ARG B 46 -43.86 -17.49 0.48
C ARG B 46 -44.64 -18.44 -0.41
N GLU B 47 -44.22 -18.61 -1.67
CA GLU B 47 -45.01 -19.35 -2.63
C GLU B 47 -44.93 -20.86 -2.36
N LYS B 48 -45.81 -21.60 -3.04
CA LYS B 48 -45.90 -23.04 -2.90
C LYS B 48 -44.73 -23.72 -3.58
N PRO B 49 -44.42 -24.97 -3.20
CA PRO B 49 -43.33 -25.70 -3.86
C PRO B 49 -43.57 -25.84 -5.35
N ARG B 50 -42.50 -25.73 -6.12
CA ARG B 50 -42.55 -25.83 -7.57
C ARG B 50 -41.47 -26.79 -8.04
N ALA B 51 -41.74 -27.49 -9.14
CA ALA B 51 -40.86 -28.54 -9.65
C ALA B 51 -40.03 -28.01 -10.81
N CYS B 52 -38.71 -28.12 -10.69
CA CYS B 52 -37.80 -27.76 -11.76
C CYS B 52 -37.69 -28.90 -12.78
N PRO B 53 -37.66 -28.59 -14.07
CA PRO B 53 -37.45 -29.64 -15.07
C PRO B 53 -36.05 -30.23 -14.95
N LEU B 54 -35.96 -31.55 -15.05
CA LEU B 54 -34.71 -32.25 -14.82
C LEU B 54 -33.97 -32.53 -16.13
N SER B 55 -32.68 -32.86 -16.00
CA SER B 55 -31.88 -33.34 -17.11
C SER B 55 -30.88 -34.34 -16.53
N SER B 56 -30.43 -35.26 -17.39
CA SER B 56 -29.57 -36.36 -16.96
C SER B 56 -28.30 -36.39 -17.78
N GLN B 57 -27.19 -36.62 -17.11
CA GLN B 57 -25.90 -36.81 -17.76
C GLN B 57 -25.34 -38.18 -17.39
N SER B 58 -24.45 -38.70 -18.24
CA SER B 58 -23.84 -40.00 -18.04
C SER B 58 -22.43 -39.81 -17.49
N MET B 59 -22.23 -40.22 -16.25
CA MET B 59 -20.95 -40.13 -15.59
C MET B 59 -19.99 -41.19 -16.15
N PRO B 60 -18.67 -41.01 -15.97
CA PRO B 60 -17.74 -42.07 -16.37
C PRO B 60 -18.00 -43.39 -15.69
N HIS B 61 -18.49 -43.36 -14.44
CA HIS B 61 -18.89 -44.57 -13.75
C HIS B 61 -20.27 -44.99 -14.26
N PHE B 62 -20.88 -45.98 -13.61
CA PHE B 62 -22.20 -46.44 -14.01
C PHE B 62 -23.33 -45.56 -13.48
N GLY B 63 -23.02 -44.57 -12.64
CA GLY B 63 -24.02 -43.65 -12.14
C GLY B 63 -24.34 -42.54 -13.13
N THR B 64 -25.34 -41.74 -12.76
CA THR B 64 -25.78 -40.63 -13.58
C THR B 64 -25.92 -39.37 -12.74
N ARG B 65 -25.76 -38.23 -13.40
CA ARG B 65 -25.85 -36.92 -12.75
C ARG B 65 -27.12 -36.22 -13.22
N TYR B 66 -27.90 -35.71 -12.28
CA TYR B 66 -29.14 -35.00 -12.57
C TYR B 66 -28.92 -33.52 -12.32
N VAL B 67 -29.28 -32.69 -13.29
CA VAL B 67 -29.06 -31.25 -13.23
C VAL B 67 -30.38 -30.52 -13.48
N CYS B 68 -30.63 -29.50 -12.67
CA CYS B 68 -31.78 -28.62 -12.85
C CYS B 68 -31.33 -27.24 -13.29
N GLN B 69 -32.17 -26.59 -14.10
CA GLN B 69 -31.92 -25.22 -14.54
C GLN B 69 -33.18 -24.41 -14.27
N PHE B 70 -33.04 -23.35 -13.49
CA PHE B 70 -34.19 -22.51 -13.16
C PHE B 70 -34.71 -21.82 -14.42
N PRO B 71 -36.02 -21.88 -14.68
CA PRO B 71 -36.55 -21.21 -15.88
C PRO B 71 -36.31 -19.71 -15.84
N ASP B 72 -36.09 -19.14 -17.02
CA ASP B 72 -35.87 -17.70 -17.11
C ASP B 72 -37.11 -16.91 -16.71
N GLN B 73 -38.30 -17.51 -16.82
CA GLN B 73 -39.51 -16.88 -16.35
C GLN B 73 -39.48 -16.66 -14.84
N GLU B 74 -38.72 -17.47 -14.11
CA GLU B 74 -38.54 -17.30 -12.68
C GLU B 74 -37.28 -16.52 -12.39
N GLU B 75 -37.36 -15.60 -11.43
CA GLU B 75 -36.23 -14.78 -11.05
C GLU B 75 -35.75 -15.15 -9.65
N VAL B 76 -34.45 -14.99 -9.42
CA VAL B 76 -33.83 -15.31 -8.14
C VAL B 76 -33.62 -14.01 -7.37
N ARG B 77 -34.00 -14.02 -6.10
CA ARG B 77 -33.91 -12.84 -5.25
C ARG B 77 -32.77 -13.03 -4.26
N LEU B 78 -31.88 -12.04 -4.19
CA LEU B 78 -30.73 -12.13 -3.30
C LEU B 78 -31.15 -11.90 -1.85
N PHE B 79 -30.33 -12.42 -0.94
CA PHE B 79 -30.57 -12.33 0.50
C PHE B 79 -31.94 -12.87 0.87
N PHE B 80 -32.27 -14.03 0.34
CA PHE B 80 -33.57 -14.65 0.57
C PHE B 80 -33.37 -16.17 0.62
N PRO B 81 -33.76 -16.82 1.71
CA PRO B 81 -33.57 -18.28 1.79
C PRO B 81 -34.38 -19.01 0.74
N LEU B 82 -33.79 -20.07 0.20
CA LEU B 82 -34.42 -20.92 -0.80
C LEU B 82 -34.30 -22.37 -0.36
N HIS B 83 -35.42 -23.07 -0.34
CA HIS B 83 -35.48 -24.45 0.14
C HIS B 83 -35.47 -25.38 -1.06
N LEU B 84 -34.43 -26.19 -1.17
CA LEU B 84 -34.24 -27.12 -2.27
C LEU B 84 -34.17 -28.54 -1.71
N TRP B 85 -35.08 -29.40 -2.16
CA TRP B 85 -35.06 -30.80 -1.73
C TRP B 85 -35.44 -31.69 -2.90
N VAL B 86 -34.65 -32.75 -3.09
CA VAL B 86 -34.86 -33.71 -4.16
C VAL B 86 -35.80 -34.80 -3.65
N LYS B 87 -36.89 -35.02 -4.38
CA LYS B 87 -37.93 -35.95 -3.95
C LYS B 87 -38.09 -37.06 -4.98
N ASN B 88 -38.00 -38.31 -4.51
CA ASN B 88 -38.32 -39.45 -5.36
C ASN B 88 -39.83 -39.56 -5.52
N VAL B 89 -40.29 -39.64 -6.77
CA VAL B 89 -41.72 -39.66 -7.02
C VAL B 89 -42.33 -40.99 -6.62
N PHE B 90 -41.55 -42.07 -6.63
CA PHE B 90 -42.10 -43.39 -6.34
C PHE B 90 -42.19 -43.64 -4.83
N LEU B 91 -41.05 -43.61 -4.14
CA LEU B 91 -41.01 -44.00 -2.74
C LEU B 91 -41.33 -42.87 -1.78
N ASN B 92 -41.56 -41.65 -2.27
CA ASN B 92 -41.91 -40.46 -1.51
C ASN B 92 -40.73 -39.97 -0.67
N GLN B 93 -39.58 -40.65 -0.71
CA GLN B 93 -38.45 -40.26 0.12
C GLN B 93 -37.83 -38.96 -0.36
N THR B 94 -37.24 -38.21 0.57
CA THR B 94 -36.52 -36.99 0.24
C THR B 94 -35.02 -37.30 0.30
N ARG B 95 -34.39 -37.42 -0.86
CA ARG B 95 -33.00 -37.82 -0.91
C ARG B 95 -32.07 -36.77 -0.32
N THR B 96 -32.36 -35.49 -0.53
CA THR B 96 -31.46 -34.43 -0.09
C THR B 96 -32.30 -33.20 0.28
N GLN B 97 -31.73 -32.35 1.13
CA GLN B 97 -32.33 -31.08 1.48
C GLN B 97 -31.22 -30.03 1.58
N ARG B 98 -31.62 -28.77 1.41
CA ARG B 98 -30.70 -27.66 1.56
C ARG B 98 -31.49 -26.36 1.59
N VAL B 99 -31.05 -25.44 2.45
CA VAL B 99 -31.55 -24.07 2.46
C VAL B 99 -30.43 -23.18 1.92
N LEU B 100 -30.72 -22.43 0.87
CA LEU B 100 -29.70 -21.76 0.09
C LEU B 100 -29.92 -20.25 0.10
N PHE B 101 -28.85 -19.51 0.38
CA PHE B 101 -28.81 -18.07 0.18
C PHE B 101 -28.08 -17.83 -1.14
N VAL B 102 -28.81 -17.32 -2.14
CA VAL B 102 -28.25 -17.19 -3.49
C VAL B 102 -27.02 -16.30 -3.49
N ASP B 103 -27.00 -15.29 -2.62
CA ASP B 103 -25.84 -14.40 -2.55
C ASP B 103 -24.62 -15.10 -1.97
N SER B 104 -24.80 -16.20 -1.24
CA SER B 104 -23.69 -16.89 -0.61
C SER B 104 -22.98 -17.86 -1.55
N VAL B 105 -23.57 -18.17 -2.70
CA VAL B 105 -22.98 -19.09 -3.66
C VAL B 105 -22.75 -18.34 -4.96
N GLY B 106 -21.53 -18.43 -5.49
CA GLY B 106 -21.22 -17.73 -6.71
C GLY B 106 -20.03 -18.29 -7.45
N LEU B 107 -20.18 -18.50 -8.76
CA LEU B 107 -19.10 -18.93 -9.64
C LEU B 107 -19.01 -17.95 -10.81
N PRO B 108 -18.50 -16.75 -10.56
CA PRO B 108 -18.45 -15.74 -11.64
C PRO B 108 -17.59 -16.21 -12.80
N ALA B 109 -18.06 -15.91 -14.00
CA ALA B 109 -17.32 -16.30 -15.19
C ALA B 109 -16.09 -15.40 -15.37
N PRO B 110 -15.03 -15.91 -15.98
CA PRO B 110 -13.87 -15.07 -16.29
C PRO B 110 -14.23 -14.05 -17.35
N PRO B 111 -13.51 -12.93 -17.41
CA PRO B 111 -13.82 -11.91 -18.42
C PRO B 111 -13.74 -12.48 -19.82
N SER B 112 -14.70 -12.09 -20.67
CA SER B 112 -14.84 -12.70 -21.98
C SER B 112 -13.69 -12.28 -22.91
N ILE B 113 -13.38 -11.00 -22.95
CA ILE B 113 -12.35 -10.47 -23.83
C ILE B 113 -11.31 -9.74 -23.00
N ILE B 114 -10.04 -9.93 -23.34
CA ILE B 114 -8.93 -9.31 -22.62
C ILE B 114 -8.10 -8.51 -23.61
N LYS B 115 -7.49 -7.44 -23.11
CA LYS B 115 -6.56 -6.64 -23.89
C LYS B 115 -5.25 -6.54 -23.11
N ALA B 116 -4.14 -6.82 -23.79
CA ALA B 116 -2.82 -6.77 -23.17
C ALA B 116 -1.86 -6.06 -24.12
N MET B 117 -1.35 -4.91 -23.69
CA MET B 117 -0.47 -4.10 -24.51
C MET B 117 0.60 -3.47 -23.63
N GLY B 118 1.70 -3.07 -24.27
CA GLY B 118 2.77 -2.42 -23.54
C GLY B 118 2.34 -1.07 -22.99
N GLY B 119 2.93 -0.70 -21.86
CA GLY B 119 2.60 0.54 -21.18
C GLY B 119 3.63 1.62 -21.41
N SER B 120 3.85 2.44 -20.39
CA SER B 120 4.79 3.54 -20.48
C SER B 120 6.23 3.07 -20.27
N GLN B 121 6.52 2.50 -19.10
CA GLN B 121 7.83 1.95 -18.84
C GLN B 121 8.05 0.69 -19.68
N PRO B 122 9.30 0.34 -19.97
CA PRO B 122 9.56 -0.88 -20.75
C PRO B 122 9.12 -2.16 -20.05
N GLY B 123 8.98 -2.15 -18.72
CA GLY B 123 8.60 -3.35 -18.01
C GLY B 123 7.21 -3.27 -17.39
N GLU B 124 6.32 -2.53 -18.03
CA GLU B 124 4.94 -2.37 -17.56
C GLU B 124 3.98 -2.99 -18.55
N LEU B 125 3.01 -3.74 -18.03
CA LEU B 125 1.98 -4.38 -18.84
C LEU B 125 0.62 -3.84 -18.42
N GLN B 126 -0.17 -3.43 -19.40
CA GLN B 126 -1.50 -2.87 -19.17
C GLN B 126 -2.56 -3.89 -19.59
N ILE B 127 -3.51 -4.14 -18.70
CA ILE B 127 -4.56 -5.12 -18.93
C ILE B 127 -5.91 -4.43 -18.78
N SER B 128 -6.77 -4.59 -19.78
CA SER B 128 -8.12 -4.06 -19.75
C SER B 128 -9.09 -5.13 -20.23
N TRP B 129 -10.25 -5.20 -19.58
CA TRP B 129 -11.23 -6.23 -19.88
C TRP B 129 -12.63 -5.70 -19.60
N GLU B 130 -13.62 -6.37 -20.19
CA GLU B 130 -15.01 -6.11 -19.87
C GLU B 130 -15.52 -7.17 -18.91
N GLU B 131 -16.73 -6.99 -18.40
CA GLU B 131 -17.27 -7.93 -17.45
C GLU B 131 -18.48 -8.65 -18.04
N PRO B 132 -18.56 -9.97 -17.88
CA PRO B 132 -19.77 -10.69 -18.32
C PRO B 132 -21.02 -10.22 -17.61
N ALA B 133 -20.91 -9.81 -16.35
CA ALA B 133 -22.04 -9.29 -15.57
C ALA B 133 -21.63 -7.92 -15.04
N PRO B 134 -21.90 -6.85 -15.79
CA PRO B 134 -21.44 -5.52 -15.35
C PRO B 134 -22.15 -4.99 -14.12
N GLU B 135 -23.28 -5.58 -13.73
CA GLU B 135 -24.03 -5.06 -12.59
C GLU B 135 -23.30 -5.30 -11.26
N ILE B 136 -22.48 -6.33 -11.19
CA ILE B 136 -21.80 -6.69 -9.95
C ILE B 136 -20.31 -6.38 -10.07
N SER B 137 -19.96 -5.40 -10.91
CA SER B 137 -18.57 -5.06 -11.11
C SER B 137 -17.89 -4.57 -9.83
N ASP B 138 -18.65 -4.06 -8.88
CA ASP B 138 -18.10 -3.55 -7.64
C ASP B 138 -18.06 -4.58 -6.51
N PHE B 139 -18.63 -5.77 -6.74
CA PHE B 139 -18.71 -6.81 -5.71
C PHE B 139 -17.86 -8.02 -6.08
N LEU B 140 -16.84 -7.83 -6.90
CA LEU B 140 -15.98 -8.91 -7.35
C LEU B 140 -14.51 -8.54 -7.13
N ARG B 141 -13.73 -9.51 -6.67
CA ARG B 141 -12.29 -9.37 -6.53
C ARG B 141 -11.63 -10.27 -7.57
N TYR B 142 -10.71 -9.70 -8.35
CA TYR B 142 -10.09 -10.41 -9.46
C TYR B 142 -8.71 -10.92 -9.06
N GLU B 143 -8.32 -12.01 -9.72
CA GLU B 143 -6.99 -12.60 -9.55
C GLU B 143 -6.38 -12.80 -10.92
N LEU B 144 -5.10 -12.48 -11.05
CA LEU B 144 -4.41 -12.43 -12.33
C LEU B 144 -3.26 -13.42 -12.35
N ARG B 145 -3.16 -14.19 -13.43
CA ARG B 145 -2.09 -15.15 -13.63
C ARG B 145 -1.39 -14.86 -14.95
N TYR B 146 -0.06 -14.77 -14.89
CA TYR B 146 0.77 -14.60 -16.08
C TYR B 146 1.93 -15.58 -16.03
N GLY B 147 2.32 -16.10 -17.20
CA GLY B 147 3.40 -17.04 -17.28
C GLY B 147 4.21 -16.89 -18.55
N PRO B 148 5.47 -17.33 -18.52
CA PRO B 148 6.28 -17.31 -19.73
C PRO B 148 5.80 -18.34 -20.74
N ARG B 149 6.21 -18.13 -22.00
CA ARG B 149 5.79 -18.99 -23.09
C ARG B 149 6.58 -20.29 -23.09
N ASP B 150 6.53 -21.02 -24.20
CA ASP B 150 7.21 -22.32 -24.30
C ASP B 150 8.68 -22.26 -23.91
N PRO B 151 9.49 -21.28 -24.33
CA PRO B 151 10.82 -21.15 -23.73
C PRO B 151 10.72 -20.73 -22.27
N LYS B 152 11.58 -21.34 -21.45
CA LYS B 152 11.55 -21.13 -20.00
C LYS B 152 10.17 -21.46 -19.42
N ASN B 153 9.58 -22.56 -19.88
CA ASN B 153 8.29 -23.00 -19.38
C ASN B 153 8.38 -23.73 -18.05
N SER B 154 9.60 -24.02 -17.57
CA SER B 154 9.75 -24.73 -16.30
C SER B 154 9.27 -23.88 -15.13
N THR B 155 9.48 -22.57 -15.17
CA THR B 155 9.06 -21.70 -14.08
C THR B 155 7.54 -21.70 -13.96
N GLY B 156 7.06 -21.83 -12.72
CA GLY B 156 5.64 -21.89 -12.45
C GLY B 156 4.95 -20.55 -12.67
N PRO B 157 3.68 -20.61 -13.06
CA PRO B 157 2.92 -19.36 -13.25
C PRO B 157 2.79 -18.59 -11.93
N THR B 158 2.74 -17.27 -12.05
CA THR B 158 2.66 -16.37 -10.92
C THR B 158 1.27 -15.76 -10.84
N VAL B 159 0.73 -15.67 -9.63
CA VAL B 159 -0.59 -15.10 -9.40
C VAL B 159 -0.42 -13.76 -8.69
N ILE B 160 -1.44 -12.92 -8.83
CA ILE B 160 -1.44 -11.60 -8.20
C ILE B 160 -2.89 -11.16 -8.07
N GLN B 161 -3.22 -10.61 -6.91
CA GLN B 161 -4.57 -10.14 -6.61
C GLN B 161 -4.67 -8.66 -6.98
N LEU B 162 -5.56 -8.34 -7.91
CA LEU B 162 -5.80 -6.95 -8.30
C LEU B 162 -6.57 -6.29 -7.17
N ILE B 163 -5.86 -5.48 -6.37
CA ILE B 163 -6.39 -5.03 -5.09
C ILE B 163 -7.57 -4.08 -5.30
N ALA B 164 -7.31 -2.92 -5.91
CA ALA B 164 -8.33 -1.88 -6.06
C ALA B 164 -7.78 -0.80 -6.98
N THR B 165 -8.57 0.26 -7.14
CA THR B 165 -8.14 1.40 -7.95
C THR B 165 -7.04 2.21 -7.27
N GLU B 166 -6.80 1.99 -5.97
CA GLU B 166 -5.73 2.71 -5.29
C GLU B 166 -4.37 2.39 -5.90
N THR B 167 -4.19 1.15 -6.38
CA THR B 167 -2.98 0.73 -7.07
C THR B 167 -3.07 0.95 -8.58
N CYS B 168 -3.90 1.90 -9.03
CA CYS B 168 -4.10 2.20 -10.44
C CYS B 168 -4.63 0.98 -11.20
N CYS B 169 -5.47 0.18 -10.53
CA CYS B 169 -6.10 -0.99 -11.13
C CYS B 169 -7.58 -1.00 -10.78
N PRO B 170 -8.37 -0.10 -11.38
CA PRO B 170 -9.81 -0.06 -11.06
C PRO B 170 -10.54 -1.23 -11.68
N ALA B 171 -11.34 -1.92 -10.86
CA ALA B 171 -12.14 -3.03 -11.38
C ALA B 171 -13.29 -2.53 -12.23
N LEU B 172 -13.75 -1.30 -11.99
CA LEU B 172 -14.80 -0.68 -12.79
C LEU B 172 -14.38 0.74 -13.16
N GLN B 173 -14.61 1.12 -14.41
CA GLN B 173 -14.25 2.44 -14.89
C GLN B 173 -15.08 2.82 -16.11
N GLU B 212 -18.99 -1.10 -20.40
CA GLU B 212 -18.13 -0.77 -19.27
C GLU B 212 -17.14 -1.89 -19.00
N GLY B 213 -15.99 -1.54 -18.43
CA GLY B 213 -14.98 -2.54 -18.12
C GLY B 213 -13.93 -1.96 -17.21
N GLY B 214 -13.13 -2.86 -16.64
CA GLY B 214 -12.07 -2.49 -15.73
C GLY B 214 -10.76 -2.22 -16.45
N SER B 215 -9.72 -1.98 -15.64
CA SER B 215 -8.39 -1.72 -16.16
C SER B 215 -7.39 -1.98 -15.04
N CYS B 216 -6.13 -2.21 -15.44
CA CYS B 216 -5.08 -2.49 -14.47
C CYS B 216 -3.73 -2.34 -15.16
N LEU B 217 -2.69 -2.15 -14.35
CA LEU B 217 -1.32 -2.03 -14.83
C LEU B 217 -0.40 -2.80 -13.91
N ILE B 218 0.49 -3.58 -14.51
CA ILE B 218 1.42 -4.43 -13.76
C ILE B 218 2.82 -4.16 -14.27
N SER B 219 3.75 -3.93 -13.35
CA SER B 219 5.13 -3.59 -13.68
C SER B 219 6.08 -4.68 -13.21
N GLY B 220 7.29 -4.64 -13.74
CA GLY B 220 8.34 -5.57 -13.36
C GLY B 220 8.54 -6.75 -14.28
N LEU B 221 7.74 -6.88 -15.33
CA LEU B 221 7.88 -7.99 -16.25
C LEU B 221 9.15 -7.85 -17.08
N GLN B 222 9.61 -8.97 -17.63
CA GLN B 222 10.82 -8.95 -18.44
C GLN B 222 10.57 -8.19 -19.74
N PRO B 223 11.39 -7.21 -20.07
CA PRO B 223 11.16 -6.40 -21.27
C PRO B 223 11.57 -7.09 -22.56
N GLY B 224 10.68 -7.88 -23.16
CA GLY B 224 10.96 -8.42 -24.47
C GLY B 224 10.45 -9.83 -24.76
N ASN B 225 10.26 -10.63 -23.73
CA ASN B 225 9.76 -11.99 -23.95
C ASN B 225 8.23 -12.02 -23.83
N SER B 226 7.62 -12.88 -24.62
CA SER B 226 6.17 -12.98 -24.66
C SER B 226 5.64 -13.61 -23.36
N TYR B 227 4.41 -13.24 -23.02
CA TYR B 227 3.74 -13.74 -21.83
C TYR B 227 2.35 -14.23 -22.20
N TRP B 228 1.92 -15.33 -21.60
CA TRP B 228 0.53 -15.77 -21.68
C TRP B 228 -0.18 -15.38 -20.38
N LEU B 229 -1.41 -14.91 -20.51
CA LEU B 229 -2.11 -14.26 -19.42
C LEU B 229 -3.49 -14.86 -19.22
N GLN B 230 -3.90 -14.99 -17.96
CA GLN B 230 -5.22 -15.48 -17.61
C GLN B 230 -5.76 -14.67 -16.43
N LEU B 231 -7.09 -14.59 -16.35
CA LEU B 231 -7.76 -13.83 -15.31
C LEU B 231 -8.68 -14.74 -14.52
N ARG B 232 -9.23 -14.19 -13.44
CA ARG B 232 -10.06 -14.94 -12.49
C ARG B 232 -10.91 -13.94 -11.73
N SER B 233 -11.94 -14.46 -11.05
CA SER B 233 -12.83 -13.59 -10.30
C SER B 233 -13.37 -14.35 -9.10
N GLU B 234 -13.82 -13.58 -8.09
CA GLU B 234 -14.38 -14.13 -6.87
C GLU B 234 -15.18 -13.03 -6.18
N PRO B 235 -16.42 -13.30 -5.78
CA PRO B 235 -17.19 -12.29 -5.03
C PRO B 235 -16.53 -11.98 -3.70
N ASP B 236 -16.56 -10.71 -3.31
CA ASP B 236 -16.00 -10.29 -2.04
C ASP B 236 -16.94 -10.69 -0.90
N GLY B 237 -16.39 -11.34 0.12
CA GLY B 237 -17.22 -11.86 1.21
C GLY B 237 -17.95 -10.81 2.00
N ILE B 238 -17.64 -9.53 1.80
CA ILE B 238 -18.32 -8.47 2.54
C ILE B 238 -19.80 -8.45 2.20
N SER B 239 -20.13 -8.57 0.92
CA SER B 239 -21.52 -8.45 0.46
C SER B 239 -22.06 -9.68 -0.24
N LEU B 240 -21.25 -10.35 -1.07
CA LEU B 240 -21.70 -11.51 -1.82
C LEU B 240 -20.72 -12.65 -1.61
N GLY B 241 -21.23 -13.82 -1.26
CA GLY B 241 -20.41 -14.99 -1.03
C GLY B 241 -20.31 -15.86 -2.27
N GLY B 242 -19.23 -16.65 -2.33
CA GLY B 242 -19.04 -17.53 -3.47
C GLY B 242 -17.61 -18.05 -3.52
N SER B 243 -17.21 -18.48 -4.71
CA SER B 243 -15.88 -19.03 -4.91
C SER B 243 -15.27 -18.50 -6.20
N TRP B 244 -14.15 -19.08 -6.63
CA TRP B 244 -13.49 -18.66 -7.85
C TRP B 244 -14.11 -19.33 -9.06
N GLY B 245 -14.14 -18.60 -10.18
CA GLY B 245 -14.48 -19.21 -11.45
C GLY B 245 -13.24 -19.68 -12.19
N SER B 246 -13.47 -20.40 -13.28
CA SER B 246 -12.37 -20.90 -14.08
C SER B 246 -11.61 -19.76 -14.72
N TRP B 247 -10.35 -20.01 -15.06
CA TRP B 247 -9.55 -19.01 -15.73
C TRP B 247 -10.09 -18.74 -17.13
N SER B 248 -9.80 -17.55 -17.64
CA SER B 248 -10.12 -17.22 -19.02
C SER B 248 -9.16 -17.95 -19.96
N LEU B 249 -9.52 -17.98 -21.23
CA LEU B 249 -8.63 -18.54 -22.24
C LEU B 249 -7.35 -17.73 -22.28
N PRO B 250 -6.18 -18.37 -22.19
CA PRO B 250 -4.93 -17.59 -22.11
C PRO B 250 -4.72 -16.71 -23.32
N VAL B 251 -4.21 -15.51 -23.07
CA VAL B 251 -3.95 -14.52 -24.11
C VAL B 251 -2.46 -14.19 -24.09
N THR B 252 -1.87 -14.08 -25.27
CA THR B 252 -0.43 -13.88 -25.41
C THR B 252 -0.14 -12.44 -25.80
N VAL B 253 0.80 -11.83 -25.11
CA VAL B 253 1.20 -10.44 -25.35
C VAL B 253 2.71 -10.40 -25.55
N ASP B 254 3.15 -9.72 -26.60
CA ASP B 254 4.57 -9.53 -26.89
C ASP B 254 4.98 -8.16 -26.37
N LEU B 255 5.74 -8.14 -25.27
CA LEU B 255 6.15 -6.88 -24.68
C LEU B 255 7.12 -6.15 -25.60
N PRO B 256 7.16 -4.81 -25.54
CA PRO B 256 8.03 -4.06 -26.44
C PRO B 256 9.51 -4.32 -26.21
N GLY B 257 9.95 -4.22 -24.96
CA GLY B 257 11.34 -4.42 -24.61
C GLY B 257 12.14 -3.14 -24.64
N ASP B 258 13.34 -3.22 -24.05
CA ASP B 258 14.20 -2.07 -23.96
C ASP B 258 14.75 -1.67 -25.33
N ALA B 259 14.97 -0.38 -25.52
CA ALA B 259 15.45 0.16 -26.79
C ALA B 259 16.96 0.07 -26.94
N VAL B 260 17.67 -0.44 -25.92
CA VAL B 260 19.11 -0.59 -26.02
C VAL B 260 19.48 -1.63 -27.07
N ALA B 261 18.55 -2.52 -27.43
CA ALA B 261 18.83 -3.51 -28.46
C ALA B 261 19.20 -2.85 -29.79
N LEU B 262 18.60 -1.70 -30.09
CA LEU B 262 18.97 -0.90 -31.25
C LEU B 262 19.78 0.33 -30.86
N GLY B 263 20.17 0.45 -29.60
CA GLY B 263 21.01 1.56 -29.16
C GLY B 263 20.35 2.91 -29.25
N LEU B 264 19.09 3.02 -28.83
CA LEU B 264 18.37 4.29 -28.89
C LEU B 264 18.89 5.21 -27.79
N GLN B 265 19.77 6.13 -28.17
CA GLN B 265 20.24 7.20 -27.28
C GLN B 265 20.03 8.52 -28.00
N CYS B 266 19.31 9.43 -27.34
CA CYS B 266 19.05 10.73 -27.94
C CYS B 266 18.87 11.78 -26.86
N PHE B 267 18.81 13.03 -27.31
CA PHE B 267 18.91 14.20 -26.46
C PHE B 267 17.85 15.23 -26.86
N THR B 268 17.90 16.39 -26.21
CA THR B 268 17.13 17.56 -26.59
C THR B 268 18.05 18.78 -26.57
N LEU B 269 17.73 19.76 -27.40
CA LEU B 269 18.58 20.93 -27.56
C LEU B 269 17.89 22.18 -27.01
N ASP B 270 18.62 22.92 -26.18
CA ASP B 270 18.21 24.18 -25.58
C ASP B 270 16.77 24.21 -25.10
N LEU B 271 16.30 23.08 -24.54
CA LEU B 271 15.02 23.03 -23.81
C LEU B 271 13.84 23.42 -24.70
N LYS B 272 13.98 23.28 -26.02
CA LYS B 272 12.92 23.70 -26.93
C LYS B 272 12.43 22.60 -27.86
N ASN B 273 13.34 21.77 -28.38
CA ASN B 273 12.99 20.76 -29.36
C ASN B 273 13.54 19.41 -28.95
N VAL B 274 12.80 18.36 -29.29
CA VAL B 274 13.24 16.99 -29.02
C VAL B 274 13.62 16.36 -30.36
N THR B 275 14.88 15.93 -30.46
CA THR B 275 15.39 15.29 -31.67
C THR B 275 16.00 13.95 -31.28
N CYS B 276 15.49 12.87 -31.86
CA CYS B 276 15.96 11.53 -31.53
C CYS B 276 16.40 10.79 -32.79
N GLN B 277 17.58 10.18 -32.70
CA GLN B 277 18.13 9.36 -33.78
C GLN B 277 18.53 8.01 -33.21
N TRP B 278 18.23 6.96 -33.97
CA TRP B 278 18.56 5.59 -33.58
C TRP B 278 19.30 4.91 -34.72
N GLN B 279 20.07 3.88 -34.37
CA GLN B 279 20.78 3.11 -35.37
C GLN B 279 19.78 2.35 -36.22
N GLN B 280 19.78 2.62 -37.53
CA GLN B 280 18.80 2.04 -38.43
C GLN B 280 19.01 0.54 -38.54
N GLN B 281 17.93 -0.22 -38.39
CA GLN B 281 18.01 -1.67 -38.52
C GLN B 281 18.20 -2.06 -39.99
N ASP B 282 19.08 -3.03 -40.21
CA ASP B 282 19.42 -3.43 -41.57
C ASP B 282 18.23 -4.09 -42.26
N HIS B 283 18.00 -3.70 -43.52
CA HIS B 283 16.94 -4.28 -44.36
C HIS B 283 15.57 -4.16 -43.70
N ALA B 284 15.32 -3.05 -43.01
CA ALA B 284 14.07 -2.89 -42.28
C ALA B 284 13.82 -1.40 -42.04
N SER B 285 12.71 -0.89 -42.58
CA SER B 285 12.35 0.50 -42.33
C SER B 285 11.92 0.68 -40.88
N SER B 286 12.34 1.78 -40.28
CA SER B 286 12.06 2.07 -38.88
C SER B 286 11.49 3.47 -38.73
N GLN B 287 10.48 3.60 -37.87
CA GLN B 287 9.88 4.89 -37.57
C GLN B 287 9.66 4.98 -36.06
N GLY B 288 9.57 6.21 -35.57
CA GLY B 288 9.46 6.45 -34.15
C GLY B 288 8.33 7.41 -33.82
N PHE B 289 7.72 7.17 -32.66
CA PHE B 289 6.63 8.01 -32.17
C PHE B 289 7.00 8.61 -30.82
N PHE B 290 6.05 9.29 -30.17
CA PHE B 290 6.28 9.85 -28.86
C PHE B 290 4.95 9.99 -28.13
N TYR B 291 4.99 10.55 -26.93
CA TYR B 291 3.82 10.71 -26.10
C TYR B 291 4.16 11.63 -24.94
N HIS B 292 3.17 12.40 -24.49
CA HIS B 292 3.34 13.34 -23.39
C HIS B 292 2.30 13.10 -22.32
N SER B 293 2.69 13.35 -21.07
CA SER B 293 1.77 13.24 -19.95
C SER B 293 2.32 14.03 -18.77
N ARG B 294 1.43 14.31 -17.81
CA ARG B 294 1.80 15.05 -16.59
C ARG B 294 1.03 14.44 -15.44
N ALA B 295 1.65 13.49 -14.74
CA ALA B 295 1.07 12.85 -13.56
C ALA B 295 -0.30 12.24 -13.86
N ARG B 296 -0.44 11.64 -15.04
CA ARG B 296 -1.68 10.95 -15.38
C ARG B 296 -1.87 9.69 -14.54
N CYS B 297 -0.77 9.02 -14.18
CA CYS B 297 -0.79 7.89 -13.26
C CYS B 297 -1.66 6.74 -13.78
N CYS B 298 -2.82 6.56 -13.17
CA CYS B 298 -3.63 5.37 -13.42
C CYS B 298 -4.19 5.37 -14.84
N PRO B 299 -3.92 4.34 -15.64
CA PRO B 299 -4.44 4.26 -17.03
C PRO B 299 -5.90 3.77 -17.08
N ARG B 300 -6.82 4.71 -16.83
CA ARG B 300 -8.24 4.36 -16.86
C ARG B 300 -8.70 3.99 -18.25
N ASP B 301 -8.23 4.69 -19.29
CA ASP B 301 -8.71 4.46 -20.65
C ASP B 301 -7.56 4.41 -21.65
N ARG B 302 -6.47 3.71 -21.31
CA ARG B 302 -5.32 3.52 -22.19
C ARG B 302 -4.74 4.88 -22.61
N TYR B 303 -4.23 5.58 -21.60
CA TYR B 303 -3.72 6.94 -21.82
C TYR B 303 -2.64 7.04 -22.90
N PRO B 304 -1.62 6.16 -22.98
CA PRO B 304 -0.61 6.32 -24.04
C PRO B 304 -1.19 6.32 -25.44
N ILE B 305 -1.11 7.46 -26.11
CA ILE B 305 -1.54 7.62 -27.50
C ILE B 305 -0.38 8.24 -28.26
N TRP B 306 0.16 7.51 -29.22
CA TRP B 306 1.39 7.94 -29.88
C TRP B 306 1.09 9.03 -30.91
N GLU B 307 2.11 9.85 -31.17
CA GLU B 307 2.06 10.90 -32.19
C GLU B 307 3.30 10.80 -33.05
N ASN B 308 3.14 11.04 -34.34
CA ASN B 308 4.24 10.88 -35.29
C ASN B 308 5.33 11.92 -35.04
N CYS B 309 6.58 11.50 -35.25
CA CYS B 309 7.73 12.40 -35.13
C CYS B 309 8.19 12.80 -36.52
N GLU B 310 8.30 14.10 -36.75
CA GLU B 310 8.70 14.61 -38.05
C GLU B 310 10.14 14.24 -38.37
N GLU B 311 10.40 13.88 -39.63
CA GLU B 311 11.74 13.59 -40.10
C GLU B 311 11.95 14.26 -41.46
N GLU B 312 13.17 14.73 -41.68
CA GLU B 312 13.51 15.40 -42.93
C GLU B 312 14.42 14.53 -43.78
N GLN B 323 22.07 3.47 -42.65
CA GLN B 323 22.97 4.01 -41.64
C GLN B 323 22.25 4.20 -40.31
N PHE B 324 21.84 5.43 -40.04
CA PHE B 324 21.11 5.77 -38.82
C PHE B 324 19.91 6.61 -39.17
N SER B 325 18.78 6.32 -38.52
CA SER B 325 17.53 7.02 -38.77
C SER B 325 17.25 8.00 -37.63
N ARG B 326 16.88 9.22 -37.99
CA ARG B 326 16.68 10.30 -37.03
C ARG B 326 15.23 10.75 -37.05
N CYS B 327 14.85 11.51 -36.02
CA CYS B 327 13.52 12.07 -35.90
C CYS B 327 13.61 13.34 -35.06
N HIS B 328 12.60 14.18 -35.18
CA HIS B 328 12.62 15.49 -34.52
C HIS B 328 11.21 16.05 -34.43
N PHE B 329 10.92 16.74 -33.34
CA PHE B 329 9.62 17.37 -33.14
C PHE B 329 9.74 18.37 -32.01
N LYS B 330 8.62 19.07 -31.74
CA LYS B 330 8.60 20.12 -30.73
C LYS B 330 8.51 19.51 -29.34
N SER B 331 8.24 20.33 -28.32
CA SER B 331 8.17 19.81 -26.97
C SER B 331 7.36 20.75 -26.09
N ARG B 332 6.66 20.15 -25.13
CA ARG B 332 6.02 20.86 -24.03
C ARG B 332 6.70 20.36 -22.75
N ASN B 333 7.53 21.21 -22.15
CA ASN B 333 8.44 20.75 -21.10
C ASN B 333 7.70 20.61 -19.77
N ASP B 334 8.47 20.48 -18.69
CA ASP B 334 7.96 20.09 -17.36
C ASP B 334 6.93 18.96 -17.46
N SER B 335 7.23 17.96 -18.29
CA SER B 335 6.37 16.81 -18.48
C SER B 335 7.23 15.57 -18.69
N ILE B 336 6.62 14.41 -18.49
CA ILE B 336 7.28 13.13 -18.75
C ILE B 336 6.94 12.71 -20.17
N ILE B 337 7.96 12.35 -20.94
CA ILE B 337 7.80 11.97 -22.33
C ILE B 337 8.34 10.56 -22.52
N HIS B 338 7.56 9.72 -23.18
CA HIS B 338 7.92 8.33 -23.46
C HIS B 338 8.21 8.20 -24.95
N ILE B 339 9.35 7.59 -25.27
CA ILE B 339 9.83 7.50 -26.64
C ILE B 339 9.71 6.06 -27.11
N LEU B 340 9.12 5.87 -28.28
CA LEU B 340 8.93 4.55 -28.87
C LEU B 340 9.46 4.55 -30.30
N VAL B 341 10.03 3.41 -30.70
CA VAL B 341 10.53 3.22 -32.05
C VAL B 341 9.97 1.90 -32.58
N GLU B 342 9.43 1.95 -33.80
CA GLU B 342 8.88 0.76 -34.44
C GLU B 342 9.60 0.52 -35.76
N VAL B 343 9.93 -0.73 -36.02
CA VAL B 343 10.69 -1.11 -37.22
C VAL B 343 10.01 -2.32 -37.86
N THR B 344 9.90 -2.29 -39.18
CA THR B 344 9.26 -3.37 -39.95
C THR B 344 10.37 -4.25 -40.51
N THR B 345 10.64 -5.35 -39.79
CA THR B 345 11.69 -6.28 -40.23
C THR B 345 11.31 -6.99 -41.52
N ALA B 346 10.03 -7.28 -41.71
CA ALA B 346 9.52 -7.96 -42.88
C ALA B 346 8.20 -7.31 -43.26
N PRO B 347 7.81 -7.38 -44.54
CA PRO B 347 6.52 -6.79 -44.95
C PRO B 347 5.36 -7.43 -44.20
N GLY B 348 4.61 -6.59 -43.48
CA GLY B 348 3.50 -7.03 -42.67
C GLY B 348 3.83 -7.34 -41.23
N THR B 349 5.11 -7.37 -40.87
CA THR B 349 5.54 -7.63 -39.50
C THR B 349 6.32 -6.43 -38.98
N VAL B 350 5.97 -5.98 -37.78
CA VAL B 350 6.60 -4.83 -37.16
C VAL B 350 6.98 -5.19 -35.73
N HIS B 351 8.01 -4.52 -35.21
CA HIS B 351 8.45 -4.70 -33.84
C HIS B 351 8.50 -3.35 -33.14
N SER B 352 8.04 -3.32 -31.91
CA SER B 352 8.01 -2.09 -31.10
C SER B 352 9.09 -2.18 -30.03
N TYR B 353 9.86 -1.11 -29.90
CA TYR B 353 10.89 -1.02 -28.87
C TYR B 353 10.70 0.28 -28.09
N LEU B 354 11.04 0.24 -26.82
CA LEU B 354 10.76 1.33 -25.90
C LEU B 354 12.00 1.64 -25.08
N GLY B 355 12.21 2.94 -24.79
CA GLY B 355 13.33 3.39 -24.00
C GLY B 355 12.87 4.10 -22.75
N SER B 356 13.81 4.32 -21.83
CA SER B 356 13.48 4.93 -20.56
C SER B 356 12.93 6.33 -20.78
N PRO B 357 11.88 6.71 -20.04
CA PRO B 357 11.26 8.03 -20.26
C PRO B 357 12.24 9.16 -19.97
N PHE B 358 12.13 10.22 -20.77
CA PHE B 358 13.01 11.37 -20.68
C PHE B 358 12.43 12.44 -19.76
N TRP B 359 13.32 13.22 -19.15
CA TRP B 359 13.01 14.52 -18.60
C TRP B 359 13.80 15.55 -19.40
N ILE B 360 13.09 16.49 -20.01
CA ILE B 360 13.72 17.37 -20.99
C ILE B 360 14.82 18.20 -20.34
N HIS B 361 14.56 18.73 -19.14
CA HIS B 361 15.58 19.50 -18.44
C HIS B 361 16.73 18.63 -17.95
N GLN B 362 16.53 17.31 -17.88
CA GLN B 362 17.56 16.39 -17.43
C GLN B 362 18.33 15.73 -18.56
N ALA B 363 18.02 16.08 -19.82
CA ALA B 363 18.68 15.44 -20.95
C ALA B 363 19.04 16.46 -22.04
N VAL B 364 19.34 17.69 -21.64
CA VAL B 364 19.72 18.72 -22.61
C VAL B 364 21.16 18.52 -23.04
N ARG B 365 21.40 18.64 -24.35
CA ARG B 365 22.74 18.46 -24.92
C ARG B 365 23.38 19.82 -25.11
N LEU B 366 24.54 20.03 -24.48
CA LEU B 366 25.26 21.28 -24.58
C LEU B 366 26.02 21.38 -25.89
N PRO B 367 26.31 22.60 -26.36
CA PRO B 367 27.20 22.76 -27.51
C PRO B 367 28.61 22.31 -27.16
N THR B 368 29.32 21.84 -28.17
CA THR B 368 30.67 21.34 -27.95
C THR B 368 31.64 22.51 -27.77
N PRO B 369 32.37 22.56 -26.65
CA PRO B 369 33.29 23.67 -26.42
C PRO B 369 34.59 23.50 -27.18
N ASN B 370 35.38 24.57 -27.18
CA ASN B 370 36.69 24.60 -27.80
C ASN B 370 37.78 24.81 -26.75
N LEU B 371 38.94 24.21 -26.98
CA LEU B 371 40.03 24.24 -26.02
C LEU B 371 41.28 24.83 -26.66
N HIS B 372 42.03 25.59 -25.87
CA HIS B 372 43.28 26.19 -26.28
C HIS B 372 44.44 25.55 -25.52
N TRP B 373 45.55 25.33 -26.22
CA TRP B 373 46.68 24.59 -25.69
C TRP B 373 47.88 25.52 -25.49
N ARG B 374 48.65 25.23 -24.44
CA ARG B 374 49.88 25.96 -24.16
C ARG B 374 50.90 24.97 -23.62
N GLU B 375 52.18 25.32 -23.79
CA GLU B 375 53.26 24.45 -23.35
C GLU B 375 54.52 25.28 -23.14
N ILE B 376 55.48 24.68 -22.44
CA ILE B 376 56.74 25.34 -22.16
C ILE B 376 57.82 24.83 -23.11
N HIS B 380 56.38 20.19 -20.27
CA HIS B 380 55.12 20.55 -19.64
C HIS B 380 54.16 21.15 -20.65
N LEU B 381 52.87 20.86 -20.48
CA LEU B 381 51.82 21.37 -21.37
C LEU B 381 50.67 21.89 -20.53
N GLU B 382 50.22 23.11 -20.84
CA GLU B 382 49.12 23.75 -20.14
C GLU B 382 47.83 23.61 -20.94
N LEU B 383 46.72 23.94 -20.28
CA LEU B 383 45.40 23.80 -20.87
C LEU B 383 44.58 25.06 -20.63
N GLU B 384 43.64 25.31 -21.53
CA GLU B 384 42.72 26.45 -21.43
C GLU B 384 41.53 26.18 -22.32
N TRP B 385 40.33 26.36 -21.79
CA TRP B 385 39.11 26.08 -22.54
C TRP B 385 37.98 26.97 -22.04
N GLN B 386 36.93 27.06 -22.85
CA GLN B 386 35.77 27.87 -22.53
C GLN B 386 34.49 27.04 -22.66
N HIS B 387 33.34 27.69 -22.61
CA HIS B 387 32.06 27.02 -22.82
C HIS B 387 31.06 27.98 -23.43
N PRO B 388 30.58 27.71 -24.65
CA PRO B 388 29.60 28.62 -25.27
C PRO B 388 28.33 28.78 -24.46
N SER B 389 27.88 27.72 -23.81
CA SER B 389 26.69 27.79 -22.95
C SER B 389 27.12 28.33 -21.59
N SER B 390 26.95 29.63 -21.38
CA SER B 390 27.34 30.29 -20.14
C SER B 390 26.29 30.18 -19.06
N TRP B 391 25.34 29.24 -19.18
CA TRP B 391 24.32 29.07 -18.16
C TRP B 391 24.94 28.66 -16.83
N ALA B 392 25.88 27.73 -16.87
CA ALA B 392 26.57 27.26 -15.67
C ALA B 392 27.82 26.50 -16.08
N ALA B 393 28.92 26.78 -15.40
CA ALA B 393 30.19 26.12 -15.66
C ALA B 393 30.48 25.00 -14.66
N GLN B 394 30.25 25.26 -13.36
CA GLN B 394 30.48 24.24 -12.34
C GLN B 394 29.49 23.09 -12.44
N GLU B 395 28.42 23.22 -13.21
CA GLU B 395 27.46 22.16 -13.42
C GLU B 395 27.83 21.24 -14.59
N THR B 396 28.92 21.53 -15.28
CA THR B 396 29.34 20.76 -16.46
C THR B 396 30.60 19.98 -16.13
N CYS B 397 30.55 18.67 -16.34
CA CYS B 397 31.69 17.78 -16.11
C CYS B 397 32.35 17.48 -17.44
N TYR B 398 33.57 17.98 -17.63
CA TYR B 398 34.30 17.80 -18.86
C TYR B 398 35.18 16.54 -18.79
N GLN B 399 35.64 16.12 -19.96
CA GLN B 399 36.62 15.03 -20.06
C GLN B 399 37.45 15.24 -21.31
N LEU B 400 38.74 14.90 -21.22
CA LEU B 400 39.68 15.11 -22.31
C LEU B 400 40.37 13.80 -22.65
N ARG B 401 40.36 13.45 -23.93
CA ARG B 401 41.11 12.31 -24.44
C ARG B 401 42.37 12.81 -25.14
N TYR B 402 43.50 12.22 -24.78
CA TYR B 402 44.80 12.70 -25.25
C TYR B 402 45.63 11.54 -25.78
N THR B 403 46.43 11.84 -26.79
CA THR B 403 47.34 10.87 -27.40
C THR B 403 48.39 11.59 -28.24
N GLY B 404 49.66 11.26 -28.02
CA GLY B 404 50.74 11.88 -28.76
C GLY B 404 50.80 11.43 -30.21
N ASP B 409 45.11 2.77 -26.79
CA ASP B 409 46.24 3.59 -26.35
C ASP B 409 45.77 4.92 -25.79
N TRP B 410 44.55 5.32 -26.15
CA TRP B 410 43.98 6.56 -25.67
C TRP B 410 43.75 6.51 -24.16
N LYS B 411 44.00 7.63 -23.49
CA LYS B 411 43.74 7.78 -22.07
C LYS B 411 43.00 9.08 -21.84
N VAL B 412 42.17 9.10 -20.79
CA VAL B 412 41.31 10.25 -20.50
C VAL B 412 41.46 10.64 -19.04
N LEU B 413 41.13 11.90 -18.77
CA LEU B 413 41.13 12.44 -17.41
C LEU B 413 39.94 13.37 -17.25
N GLU B 414 39.51 13.54 -16.00
CA GLU B 414 38.33 14.35 -15.70
C GLU B 414 38.71 15.52 -14.81
N PRO B 415 38.92 16.70 -15.37
CA PRO B 415 39.16 17.90 -14.55
C PRO B 415 37.92 18.24 -13.75
N PRO B 416 38.08 18.93 -12.61
CA PRO B 416 36.92 19.31 -11.81
C PRO B 416 35.95 20.17 -12.60
N LEU B 417 34.66 19.99 -12.30
CA LEU B 417 33.62 20.74 -13.00
C LEU B 417 33.79 22.23 -12.79
N GLY B 418 33.63 22.99 -13.87
CA GLY B 418 33.81 24.43 -13.84
C GLY B 418 35.21 24.90 -14.13
N ALA B 419 36.18 23.99 -14.27
CA ALA B 419 37.54 24.40 -14.58
C ALA B 419 37.64 24.93 -16.00
N ARG B 420 38.55 25.89 -16.19
CA ARG B 420 38.82 26.47 -17.50
C ARG B 420 40.27 26.31 -17.91
N GLY B 421 41.06 25.54 -17.17
CA GLY B 421 42.46 25.34 -17.49
C GLY B 421 43.02 24.17 -16.72
N GLY B 422 44.21 23.76 -17.13
CA GLY B 422 44.84 22.63 -16.48
C GLY B 422 46.23 22.40 -17.03
N THR B 423 46.85 21.32 -16.56
CA THR B 423 48.20 20.94 -16.97
C THR B 423 48.22 19.48 -17.39
N LEU B 424 48.89 19.21 -18.51
CA LEU B 424 49.00 17.87 -19.04
C LEU B 424 50.46 17.58 -19.39
N GLU B 425 50.82 16.31 -19.42
CA GLU B 425 52.18 15.87 -19.71
C GLU B 425 52.26 15.34 -21.13
N LEU B 426 53.26 15.83 -21.87
CA LEU B 426 53.45 15.43 -23.26
C LEU B 426 54.82 14.76 -23.44
N ARG B 431 54.12 15.84 -30.97
CA ARG B 431 52.81 16.46 -31.21
C ARG B 431 51.69 15.60 -30.66
N TYR B 432 50.66 16.25 -30.15
CA TYR B 432 49.51 15.56 -29.57
C TYR B 432 48.25 16.35 -29.88
N ARG B 433 47.11 15.66 -29.82
CA ARG B 433 45.81 16.25 -30.13
C ARG B 433 44.91 16.18 -28.91
N LEU B 434 44.21 17.29 -28.64
CA LEU B 434 43.35 17.42 -27.47
C LEU B 434 41.90 17.49 -27.93
N GLN B 435 41.07 16.60 -27.40
CA GLN B 435 39.64 16.58 -27.70
C GLN B 435 38.87 16.59 -26.39
N LEU B 436 38.02 17.60 -26.20
CA LEU B 436 37.28 17.79 -24.96
C LEU B 436 35.80 17.59 -25.21
N ARG B 437 35.13 16.90 -24.28
CA ARG B 437 33.70 16.66 -24.35
C ARG B 437 33.05 17.12 -23.05
N ALA B 438 31.84 17.66 -23.16
CA ALA B 438 31.13 18.25 -22.04
C ALA B 438 29.87 17.46 -21.74
N ARG B 439 29.59 17.27 -20.45
CA ARG B 439 28.34 16.68 -19.99
C ARG B 439 27.79 17.49 -18.82
N LEU B 440 26.57 17.96 -18.95
CA LEU B 440 25.92 18.74 -17.91
C LEU B 440 25.43 17.80 -16.80
N ASN B 441 25.86 18.07 -15.56
CA ASN B 441 25.52 17.21 -14.43
C ASN B 441 25.13 18.02 -13.20
N GLY B 442 24.55 19.21 -13.39
CA GLY B 442 24.16 20.05 -12.28
C GLY B 442 22.94 19.54 -11.57
N PRO B 443 22.77 19.94 -10.29
CA PRO B 443 21.59 19.52 -9.54
C PRO B 443 20.28 20.00 -10.14
N THR B 444 20.28 21.13 -10.85
CA THR B 444 19.08 21.66 -11.48
C THR B 444 18.97 21.29 -12.95
N TYR B 445 20.02 21.53 -13.73
CA TYR B 445 20.06 21.17 -15.14
C TYR B 445 21.14 20.11 -15.33
N GLN B 446 20.79 19.03 -16.02
CA GLN B 446 21.75 17.98 -16.35
C GLN B 446 21.40 17.44 -17.74
N GLY B 447 22.25 16.54 -18.22
CA GLY B 447 22.06 15.95 -19.52
C GLY B 447 23.17 14.99 -19.91
N PRO B 448 23.11 14.48 -21.14
CA PRO B 448 24.13 13.53 -21.59
C PRO B 448 25.38 14.23 -22.10
N TRP B 449 26.32 13.44 -22.61
CA TRP B 449 27.53 14.01 -23.20
C TRP B 449 27.20 14.78 -24.47
N SER B 450 28.04 15.75 -24.79
CA SER B 450 27.90 16.51 -26.02
C SER B 450 28.75 15.87 -27.12
N SER B 451 28.82 16.54 -28.26
CA SER B 451 29.65 16.05 -29.35
C SER B 451 31.12 16.35 -29.09
N TRP B 452 31.99 15.58 -29.75
CA TRP B 452 33.42 15.77 -29.62
C TRP B 452 33.87 16.87 -30.58
N SER B 453 34.62 17.84 -30.05
CA SER B 453 35.13 18.93 -30.86
C SER B 453 36.29 18.45 -31.73
N ASP B 454 36.76 19.32 -32.62
CA ASP B 454 37.92 19.01 -33.42
C ASP B 454 39.17 18.93 -32.54
N PRO B 455 40.10 18.02 -32.83
CA PRO B 455 41.30 17.91 -32.01
C PRO B 455 42.13 19.17 -32.08
N THR B 456 42.77 19.50 -30.95
CA THR B 456 43.58 20.70 -30.81
C THR B 456 45.02 20.30 -30.53
N ARG B 457 45.95 20.82 -31.32
CA ARG B 457 47.36 20.52 -31.16
C ARG B 457 47.92 21.22 -29.93
N PCA C 1 -12.25 14.65 34.67
CA PCA C 1 -12.61 16.02 34.99
CB PCA C 1 -13.87 16.06 35.84
CG PCA C 1 -14.07 14.67 36.39
CD PCA C 1 -13.13 13.86 35.53
OE PCA C 1 -13.14 12.63 35.57
C PCA C 1 -11.49 16.74 35.72
O PCA C 1 -11.57 17.95 35.96
N ASP C 2 -10.27 16.26 35.53
CA ASP C 2 -9.11 16.83 36.21
C ASP C 2 -8.61 18.10 35.51
N VAL C 3 -7.58 18.72 36.10
CA VAL C 3 -7.08 19.99 35.60
C VAL C 3 -6.44 19.84 34.22
N SER C 4 -6.01 18.64 33.84
CA SER C 4 -5.41 18.46 32.53
C SER C 4 -6.42 18.58 31.40
N LEU C 5 -7.72 18.59 31.72
CA LEU C 5 -8.78 18.69 30.73
C LEU C 5 -9.23 20.12 30.47
N LEU C 6 -8.34 21.09 30.68
CA LEU C 6 -8.64 22.48 30.39
C LEU C 6 -8.30 22.87 28.96
N ALA C 7 -7.88 21.90 28.13
CA ALA C 7 -7.65 22.18 26.72
C ALA C 7 -8.93 22.63 26.03
N SER C 8 -10.08 22.16 26.49
CA SER C 8 -11.35 22.64 25.99
C SER C 8 -11.54 24.11 26.35
N ASP C 9 -12.18 24.85 25.44
CA ASP C 9 -12.31 26.28 25.61
C ASP C 9 -13.44 26.81 24.73
N SER C 10 -13.75 28.09 24.90
CA SER C 10 -14.65 28.84 24.02
C SER C 10 -16.09 28.34 24.09
N GLU C 11 -16.55 28.04 25.31
CA GLU C 11 -17.95 27.67 25.52
C GLU C 11 -18.28 27.68 27.01
N PRO C 12 -19.43 28.24 27.41
CA PRO C 12 -19.82 28.20 28.83
C PRO C 12 -20.05 26.79 29.35
N LEU C 13 -20.31 25.82 28.48
CA LEU C 13 -20.57 24.42 28.88
C LEU C 13 -19.69 23.51 28.04
N LYS C 14 -18.53 23.16 28.57
CA LYS C 14 -17.61 22.27 27.86
C LYS C 14 -18.13 20.85 27.85
N CYS C 15 -17.79 20.12 26.80
CA CYS C 15 -18.09 18.70 26.69
C CYS C 15 -16.96 18.01 25.94
N PHE C 16 -16.78 16.72 26.21
CA PHE C 16 -15.75 15.95 25.53
C PHE C 16 -16.05 14.46 25.67
N SER C 17 -15.76 13.71 24.61
CA SER C 17 -15.96 12.26 24.59
C SER C 17 -14.65 11.59 24.19
N ARG C 18 -14.19 10.66 25.00
CA ARG C 18 -12.88 10.06 24.78
C ARG C 18 -12.93 8.83 23.87
N THR C 19 -13.95 7.98 24.01
CA THR C 19 -14.06 6.77 23.22
C THR C 19 -15.33 6.73 22.37
N PHE C 20 -16.03 7.85 22.24
CA PHE C 20 -17.30 7.93 21.51
C PHE C 20 -18.34 6.96 22.02
N GLU C 21 -18.17 6.48 23.26
CA GLU C 21 -19.19 5.70 23.94
C GLU C 21 -19.48 6.24 25.33
N ASP C 22 -18.94 7.42 25.67
CA ASP C 22 -19.17 8.06 26.94
C ASP C 22 -19.20 9.56 26.72
N LEU C 23 -19.85 10.27 27.64
CA LEU C 23 -19.97 11.72 27.54
C LEU C 23 -19.85 12.32 28.93
N THR C 24 -19.19 13.48 29.00
CA THR C 24 -19.03 14.20 30.25
C THR C 24 -18.94 15.69 29.96
N CYS C 25 -19.85 16.46 30.55
CA CYS C 25 -19.91 17.90 30.36
C CYS C 25 -19.76 18.59 31.70
N PHE C 26 -18.93 19.63 31.75
CA PHE C 26 -18.65 20.33 32.98
C PHE C 26 -18.64 21.84 32.75
N TRP C 27 -19.20 22.58 33.70
CA TRP C 27 -19.12 24.03 33.73
C TRP C 27 -18.79 24.48 35.15
N ASP C 28 -18.14 25.63 35.26
CA ASP C 28 -17.69 26.14 36.54
C ASP C 28 -18.30 27.51 36.82
N GLU C 29 -18.62 27.73 38.10
CA GLU C 29 -19.18 28.99 38.56
C GLU C 29 -18.32 29.51 39.70
N GLU C 30 -17.94 30.79 39.64
CA GLU C 30 -17.15 31.40 40.69
C GLU C 30 -17.97 31.84 41.89
N GLU C 31 -19.29 31.77 41.80
CA GLU C 31 -20.17 32.24 42.87
C GLU C 31 -20.30 31.16 43.94
N ALA C 32 -21.24 31.35 44.86
CA ALA C 32 -21.47 30.40 45.93
C ALA C 32 -22.10 29.11 45.38
N ALA C 33 -22.09 28.07 46.20
CA ALA C 33 -22.56 26.74 45.81
C ALA C 33 -23.55 26.20 46.83
N PRO C 34 -24.77 26.73 46.86
CA PRO C 34 -25.82 26.10 47.67
C PRO C 34 -26.16 24.71 47.14
N SER C 35 -26.48 23.81 48.07
CA SER C 35 -26.72 22.42 47.71
C SER C 35 -28.01 22.28 46.93
N GLY C 36 -27.98 21.44 45.89
CA GLY C 36 -29.18 21.13 45.12
C GLY C 36 -29.80 22.33 44.43
N THR C 37 -28.98 23.18 43.81
CA THR C 37 -29.46 24.39 43.18
C THR C 37 -29.43 24.33 41.65
N TYR C 38 -28.34 23.85 41.07
CA TYR C 38 -28.21 23.74 39.62
C TYR C 38 -28.38 22.28 39.19
N GLN C 39 -29.16 22.08 38.13
CA GLN C 39 -29.43 20.75 37.60
C GLN C 39 -29.21 20.76 36.09
N LEU C 40 -28.46 19.79 35.59
CA LEU C 40 -28.18 19.69 34.17
C LEU C 40 -29.23 18.82 33.50
N LEU C 41 -29.68 19.25 32.31
CA LEU C 41 -30.70 18.54 31.56
C LEU C 41 -30.20 18.29 30.15
N TYR C 42 -30.68 17.20 29.56
CA TYR C 42 -30.32 16.83 28.19
C TYR C 42 -31.52 16.21 27.50
N ALA C 43 -31.55 16.34 26.18
CA ALA C 43 -32.66 15.82 25.40
C ALA C 43 -32.22 15.66 23.95
N TYR C 44 -32.61 14.54 23.35
CA TYR C 44 -32.32 14.25 21.95
C TYR C 44 -33.46 14.80 21.10
N PRO C 45 -33.36 14.76 19.75
CA PRO C 45 -34.36 15.47 18.92
C PRO C 45 -35.81 15.25 19.30
N ARG C 46 -36.17 14.11 19.90
CA ARG C 46 -37.56 13.88 20.31
C ARG C 46 -37.57 12.99 21.54
N GLU C 47 -37.66 13.60 22.71
CA GLU C 47 -37.76 12.89 23.98
C GLU C 47 -38.04 13.89 25.09
N LYS C 48 -38.57 13.38 26.19
CA LYS C 48 -38.71 14.19 27.39
C LYS C 48 -37.33 14.46 27.99
N PRO C 49 -37.03 15.70 28.38
CA PRO C 49 -35.72 15.99 28.98
C PRO C 49 -35.50 15.19 30.25
N ARG C 50 -34.26 14.76 30.46
CA ARG C 50 -33.87 14.00 31.64
C ARG C 50 -32.74 14.72 32.35
N ALA C 51 -32.57 14.40 33.63
CA ALA C 51 -31.60 15.07 34.48
C ALA C 51 -30.37 14.18 34.66
N CYS C 52 -29.20 14.72 34.31
CA CYS C 52 -27.97 14.01 34.53
C CYS C 52 -27.59 14.06 36.01
N PRO C 53 -27.14 12.94 36.59
CA PRO C 53 -26.68 12.98 37.98
C PRO C 53 -25.46 13.86 38.15
N LEU C 54 -25.62 14.98 38.86
CA LEU C 54 -24.60 16.00 38.94
C LEU C 54 -23.64 15.73 40.11
N SER C 55 -22.46 16.35 40.03
CA SER C 55 -21.47 16.28 41.09
C SER C 55 -20.85 17.66 41.24
N SER C 56 -19.98 17.80 42.24
CA SER C 56 -19.35 19.07 42.53
C SER C 56 -17.86 18.88 42.80
N GLN C 57 -17.10 19.93 42.55
CA GLN C 57 -15.66 19.95 42.80
C GLN C 57 -15.27 21.31 43.34
N SER C 58 -14.17 21.34 44.09
CA SER C 58 -13.66 22.58 44.64
C SER C 58 -12.81 23.31 43.62
N MET C 59 -12.57 24.59 43.89
CA MET C 59 -11.79 25.47 43.04
C MET C 59 -10.80 26.23 43.89
N PRO C 60 -9.72 26.76 43.30
CA PRO C 60 -8.77 27.56 44.09
C PRO C 60 -9.43 28.76 44.76
N HIS C 61 -10.42 29.37 44.13
CA HIS C 61 -11.19 30.45 44.73
C HIS C 61 -12.46 29.89 45.38
N PHE C 62 -13.34 30.78 45.81
CA PHE C 62 -14.55 30.37 46.52
C PHE C 62 -15.58 29.71 45.62
N GLY C 63 -15.39 29.72 44.30
CA GLY C 63 -16.32 29.10 43.39
C GLY C 63 -16.18 27.59 43.36
N THR C 64 -17.05 26.96 42.54
CA THR C 64 -17.06 25.51 42.41
C THR C 64 -17.25 25.14 40.94
N ARG C 65 -16.90 23.90 40.63
CA ARG C 65 -17.07 23.35 39.29
C ARG C 65 -17.97 22.12 39.38
N TYR C 66 -19.01 22.09 38.55
CA TYR C 66 -19.91 20.96 38.47
C TYR C 66 -19.54 20.08 37.28
N VAL C 67 -19.69 18.78 37.45
CA VAL C 67 -19.36 17.80 36.42
C VAL C 67 -20.49 16.80 36.32
N CYS C 68 -21.00 16.60 35.09
CA CYS C 68 -21.98 15.58 34.81
C CYS C 68 -21.36 14.51 33.92
N GLN C 69 -21.57 13.25 34.29
CA GLN C 69 -21.05 12.11 33.55
C GLN C 69 -22.20 11.19 33.23
N PHE C 70 -22.41 10.93 31.94
CA PHE C 70 -23.58 10.16 31.53
C PHE C 70 -23.47 8.72 32.01
N PRO C 71 -24.58 8.12 32.44
CA PRO C 71 -24.48 6.80 33.09
C PRO C 71 -24.16 5.67 32.13
N ASP C 72 -24.80 5.62 30.97
CA ASP C 72 -24.71 4.45 30.10
C ASP C 72 -24.45 4.90 28.67
N GLN C 73 -23.90 3.97 27.88
CA GLN C 73 -23.65 4.24 26.47
C GLN C 73 -24.94 4.40 25.67
N GLU C 74 -26.06 3.89 26.17
CA GLU C 74 -27.33 4.04 25.46
C GLU C 74 -27.78 5.49 25.42
N GLU C 75 -27.28 6.32 26.33
CA GLU C 75 -27.67 7.72 26.39
C GLU C 75 -26.82 8.62 25.50
N VAL C 76 -25.74 8.11 24.92
CA VAL C 76 -24.90 8.87 24.01
C VAL C 76 -25.03 8.25 22.62
N ARG C 77 -25.50 9.05 21.67
CA ARG C 77 -25.74 8.60 20.30
C ARG C 77 -25.05 9.55 19.34
N LEU C 78 -24.33 8.98 18.37
CA LEU C 78 -23.62 9.78 17.40
C LEU C 78 -24.55 10.27 16.29
N PHE C 79 -24.14 11.35 15.64
CA PHE C 79 -24.79 11.93 14.46
C PHE C 79 -26.18 12.49 14.78
N PHE C 80 -26.52 12.67 16.04
CA PHE C 80 -27.78 13.31 16.40
C PHE C 80 -27.51 14.63 17.13
N PRO C 81 -28.37 15.63 16.96
CA PRO C 81 -28.20 16.89 17.70
C PRO C 81 -28.65 16.71 19.14
N LEU C 82 -27.73 16.96 20.08
CA LEU C 82 -28.00 16.82 21.51
C LEU C 82 -28.16 18.20 22.10
N HIS C 83 -29.28 18.42 22.80
CA HIS C 83 -29.62 19.71 23.37
C HIS C 83 -29.35 19.67 24.87
N LEU C 84 -28.35 20.43 25.31
CA LEU C 84 -27.96 20.50 26.70
C LEU C 84 -28.27 21.89 27.24
N TRP C 85 -29.01 21.94 28.35
CA TRP C 85 -29.30 23.22 28.99
C TRP C 85 -29.44 22.99 30.48
N VAL C 86 -28.76 23.81 31.27
CA VAL C 86 -28.79 23.71 32.72
C VAL C 86 -29.99 24.46 33.25
N LYS C 87 -30.34 24.19 34.51
CA LYS C 87 -31.49 24.81 35.15
C LYS C 87 -31.13 25.25 36.56
N ASN C 88 -31.32 26.53 36.85
CA ASN C 88 -31.24 27.04 38.21
C ASN C 88 -32.60 26.82 38.85
N VAL C 89 -32.81 25.61 39.39
CA VAL C 89 -34.12 25.21 39.89
C VAL C 89 -34.56 26.05 41.08
N PHE C 90 -33.63 26.77 41.72
CA PHE C 90 -34.00 27.61 42.85
C PHE C 90 -34.94 28.73 42.43
N LEU C 91 -34.67 29.36 41.28
CA LEU C 91 -35.51 30.46 40.82
C LEU C 91 -35.88 30.32 39.35
N ASN C 92 -35.85 29.09 38.82
CA ASN C 92 -36.35 28.79 37.49
C ASN C 92 -35.65 29.61 36.41
N GLN C 93 -34.35 29.42 36.24
CA GLN C 93 -33.59 30.19 35.25
C GLN C 93 -32.75 29.24 34.41
N THR C 94 -32.91 29.31 33.09
CA THR C 94 -32.09 28.55 32.15
C THR C 94 -30.78 29.30 31.98
N ARG C 95 -29.81 28.99 32.83
CA ARG C 95 -28.56 29.75 32.84
C ARG C 95 -27.80 29.59 31.52
N THR C 96 -27.75 28.37 30.99
CA THR C 96 -26.96 28.10 29.79
C THR C 96 -27.68 27.08 28.93
N GLN C 97 -27.37 27.07 27.65
CA GLN C 97 -27.88 26.08 26.72
C GLN C 97 -26.87 25.85 25.62
N ARG C 98 -26.98 24.69 24.96
CA ARG C 98 -26.06 24.33 23.90
C ARG C 98 -26.65 23.17 23.11
N VAL C 99 -26.49 23.23 21.79
CA VAL C 99 -26.87 22.14 20.89
C VAL C 99 -25.59 21.46 20.44
N LEU C 100 -25.50 20.16 20.67
CA LEU C 100 -24.24 19.45 20.56
C LEU C 100 -24.37 18.23 19.65
N PHE C 101 -23.35 18.02 18.82
CA PHE C 101 -23.18 16.79 18.07
C PHE C 101 -22.05 15.99 18.71
N VAL C 102 -22.37 14.78 19.18
CA VAL C 102 -21.42 14.00 19.96
C VAL C 102 -20.20 13.62 19.13
N ASP C 103 -20.37 13.48 17.82
CA ASP C 103 -19.27 13.03 16.98
C ASP C 103 -18.21 14.08 16.76
N SER C 104 -18.43 15.33 17.21
CA SER C 104 -17.51 16.42 16.95
C SER C 104 -16.79 16.91 18.20
N VAL C 105 -16.80 16.13 19.28
CA VAL C 105 -16.17 16.55 20.53
C VAL C 105 -15.20 15.48 21.03
N GLY C 106 -14.62 14.72 20.10
CA GLY C 106 -13.72 13.64 20.50
C GLY C 106 -12.47 14.20 21.16
N LEU C 107 -12.09 13.60 22.31
CA LEU C 107 -10.84 13.90 23.00
C LEU C 107 -10.15 12.57 23.30
N PRO C 108 -9.52 11.96 22.29
CA PRO C 108 -8.96 10.62 22.49
C PRO C 108 -7.84 10.61 23.51
N ALA C 109 -7.73 9.48 24.21
CA ALA C 109 -6.67 9.31 25.20
C ALA C 109 -5.35 8.94 24.52
N PRO C 110 -4.22 9.31 25.13
CA PRO C 110 -2.93 8.95 24.55
C PRO C 110 -2.68 7.45 24.67
N PRO C 111 -1.85 6.89 23.80
CA PRO C 111 -1.52 5.46 23.91
C PRO C 111 -0.88 5.15 25.26
N SER C 112 -1.49 4.20 25.97
CA SER C 112 -1.07 3.92 27.35
C SER C 112 0.33 3.34 27.40
N ILE C 113 0.60 2.30 26.61
CA ILE C 113 1.88 1.61 26.63
C ILE C 113 2.65 1.97 25.36
N ILE C 114 3.93 2.30 25.53
CA ILE C 114 4.79 2.70 24.42
C ILE C 114 6.04 1.83 24.44
N LYS C 115 6.38 1.26 23.29
CA LYS C 115 7.59 0.47 23.12
C LYS C 115 8.37 0.99 21.92
N ALA C 116 9.66 1.21 22.10
CA ALA C 116 10.50 1.70 21.01
C ALA C 116 11.94 1.28 21.25
N MET C 117 12.71 1.26 20.17
CA MET C 117 14.13 0.92 20.19
C MET C 117 14.73 1.32 18.86
N GLY C 118 16.03 1.11 18.72
CA GLY C 118 16.71 1.46 17.48
C GLY C 118 16.22 0.60 16.32
N GLY C 119 16.20 1.21 15.14
CA GLY C 119 15.72 0.56 13.94
C GLY C 119 16.82 -0.15 13.18
N SER C 120 16.51 -0.51 11.92
CA SER C 120 17.47 -1.20 11.08
C SER C 120 18.60 -0.29 10.64
N GLN C 121 18.30 0.94 10.24
CA GLN C 121 19.29 1.92 9.86
C GLN C 121 19.94 2.54 11.09
N PRO C 122 21.16 3.08 10.96
CA PRO C 122 21.81 3.68 12.13
C PRO C 122 21.05 4.85 12.73
N GLY C 123 20.36 5.64 11.92
CA GLY C 123 19.63 6.79 12.42
C GLY C 123 18.13 6.63 12.38
N GLU C 124 17.65 5.39 12.32
CA GLU C 124 16.23 5.10 12.21
C GLU C 124 15.68 4.67 13.57
N LEU C 125 14.52 5.23 13.93
CA LEU C 125 13.84 4.88 15.16
C LEU C 125 12.49 4.27 14.81
N GLN C 126 12.20 3.11 15.39
CA GLN C 126 10.93 2.42 15.18
C GLN C 126 10.09 2.53 16.45
N ILE C 127 8.81 2.84 16.27
CA ILE C 127 7.90 3.09 17.38
C ILE C 127 6.68 2.19 17.23
N SER C 128 6.20 1.66 18.35
CA SER C 128 5.03 0.81 18.36
C SER C 128 4.25 1.04 19.63
N TRP C 129 2.93 0.96 19.52
CA TRP C 129 2.05 1.26 20.65
C TRP C 129 0.76 0.47 20.51
N GLU C 130 0.03 0.36 21.62
CA GLU C 130 -1.28 -0.27 21.66
C GLU C 130 -2.32 0.81 21.94
N GLU C 131 -3.29 0.94 21.04
CA GLU C 131 -4.32 1.96 21.19
C GLU C 131 -5.24 1.62 22.35
N PRO C 132 -5.49 2.55 23.28
CA PRO C 132 -6.41 2.26 24.38
C PRO C 132 -7.82 1.92 23.92
N ALA C 133 -8.27 2.48 22.80
CA ALA C 133 -9.60 2.25 22.25
C ALA C 133 -9.45 1.79 20.81
N PRO C 134 -9.15 0.50 20.61
CA PRO C 134 -8.92 0.01 19.24
C PRO C 134 -10.13 0.09 18.33
N GLU C 135 -11.34 0.21 18.89
CA GLU C 135 -12.55 0.20 18.07
C GLU C 135 -12.68 1.43 17.17
N ILE C 136 -11.94 2.50 17.45
CA ILE C 136 -12.04 3.72 16.65
C ILE C 136 -10.68 4.12 16.14
N SER C 137 -9.76 3.16 16.02
CA SER C 137 -8.43 3.45 15.51
C SER C 137 -8.46 3.86 14.04
N ASP C 138 -9.53 3.57 13.32
CA ASP C 138 -9.64 3.97 11.93
C ASP C 138 -9.72 5.48 11.80
N PHE C 139 -10.43 6.13 12.71
CA PHE C 139 -10.76 7.55 12.60
C PHE C 139 -9.78 8.45 13.31
N LEU C 140 -8.70 7.92 13.86
CA LEU C 140 -7.79 8.69 14.71
C LEU C 140 -6.53 9.08 13.94
N ARG C 141 -6.15 10.34 14.06
CA ARG C 141 -4.90 10.84 13.51
C ARG C 141 -3.90 11.07 14.62
N TYR C 142 -2.68 10.54 14.45
CA TYR C 142 -1.67 10.57 15.48
C TYR C 142 -0.63 11.65 15.20
N GLU C 143 0.03 12.09 16.27
CA GLU C 143 1.13 13.04 16.17
C GLU C 143 2.20 12.63 17.18
N LEU C 144 3.45 12.89 16.81
CA LEU C 144 4.59 12.45 17.61
C LEU C 144 5.47 13.64 17.96
N ARG C 145 5.91 13.68 19.22
CA ARG C 145 6.84 14.70 19.69
C ARG C 145 8.03 14.00 20.32
N TYR C 146 9.24 14.52 20.08
CA TYR C 146 10.44 13.93 20.66
C TYR C 146 11.47 15.01 20.90
N GLY C 147 12.38 14.72 21.82
CA GLY C 147 13.44 15.63 22.17
C GLY C 147 14.62 14.90 22.80
N PRO C 148 15.73 15.60 23.00
CA PRO C 148 16.92 14.96 23.59
C PRO C 148 16.72 14.70 25.07
N ARG C 149 17.07 13.48 25.49
CA ARG C 149 16.99 13.10 26.90
C ARG C 149 18.22 13.52 27.69
N ASP C 150 19.22 14.10 27.04
CA ASP C 150 20.41 14.57 27.72
C ASP C 150 20.07 15.78 28.59
N PRO C 151 20.91 16.10 29.57
CA PRO C 151 20.67 17.29 30.39
C PRO C 151 20.59 18.54 29.53
N LYS C 152 19.70 19.45 29.92
CA LYS C 152 19.35 20.64 29.14
C LYS C 152 18.82 20.16 27.78
N ASN C 153 19.02 20.95 26.74
CA ASN C 153 18.54 20.59 25.40
C ASN C 153 19.25 21.44 24.37
N SER C 154 19.77 20.79 23.32
CA SER C 154 20.38 21.51 22.22
C SER C 154 19.36 22.18 21.32
N THR C 155 18.11 21.74 21.36
CA THR C 155 17.05 22.31 20.54
C THR C 155 15.71 21.99 21.18
N GLY C 156 14.67 22.69 20.72
CA GLY C 156 13.34 22.49 21.23
C GLY C 156 12.70 21.24 20.67
N PRO C 157 11.59 20.83 21.27
CA PRO C 157 10.88 19.64 20.79
C PRO C 157 10.36 19.84 19.37
N THR C 158 10.30 18.74 18.63
CA THR C 158 9.80 18.73 17.26
C THR C 158 8.60 17.81 17.18
N VAL C 159 7.59 18.23 16.41
CA VAL C 159 6.35 17.49 16.27
C VAL C 159 6.14 17.14 14.81
N ILE C 160 5.79 15.88 14.56
CA ILE C 160 5.56 15.37 13.20
C ILE C 160 4.26 14.57 13.21
N GLN C 161 3.40 14.85 12.23
CA GLN C 161 2.17 14.08 12.08
C GLN C 161 2.47 12.78 11.33
N LEU C 162 2.06 11.66 11.91
CA LEU C 162 2.30 10.37 11.28
C LEU C 162 1.46 10.26 10.01
N ILE C 163 2.13 9.95 8.89
CA ILE C 163 1.45 9.92 7.60
C ILE C 163 0.42 8.80 7.55
N ALA C 164 0.63 7.73 8.30
CA ALA C 164 -0.25 6.56 8.29
C ALA C 164 -0.40 6.01 6.87
N THR C 165 0.70 5.99 6.14
CA THR C 165 0.75 5.54 4.76
C THR C 165 1.55 4.24 4.67
N GLU C 166 1.74 3.76 3.44
CA GLU C 166 2.46 2.53 3.17
C GLU C 166 3.96 2.66 3.38
N THR C 167 4.48 3.79 3.86
CA THR C 167 5.92 3.94 4.06
C THR C 167 6.33 3.33 5.40
N CYS C 168 5.95 2.07 5.61
CA CYS C 168 6.30 1.31 6.82
C CYS C 168 5.89 2.03 8.10
N CYS C 169 4.76 2.73 8.06
CA CYS C 169 4.17 3.36 9.25
C CYS C 169 2.68 3.06 9.29
N PRO C 170 2.32 1.80 9.55
CA PRO C 170 0.90 1.44 9.65
C PRO C 170 0.31 1.82 10.99
N ALA C 171 -0.22 3.05 11.09
CA ALA C 171 -0.76 3.55 12.35
C ALA C 171 -1.77 2.58 12.96
N LEU C 172 -2.43 1.76 12.13
CA LEU C 172 -3.28 0.69 12.60
C LEU C 172 -2.81 -0.62 12.00
N GLN C 173 -2.74 -1.67 12.82
CA GLN C 173 -2.30 -2.98 12.35
C GLN C 173 -3.42 -4.01 12.47
N GLU C 212 -5.33 -4.47 19.17
CA GLU C 212 -4.98 -3.85 17.89
C GLU C 212 -3.97 -2.72 18.11
N GLY C 213 -2.69 -3.05 17.93
CA GLY C 213 -1.63 -2.07 18.10
C GLY C 213 -1.29 -1.34 16.81
N GLY C 214 -0.29 -0.46 16.92
CA GLY C 214 0.19 0.29 15.78
C GLY C 214 1.71 0.31 15.76
N SER C 215 2.24 0.74 14.62
CA SER C 215 3.68 0.81 14.42
C SER C 215 4.01 1.92 13.44
N CYS C 216 5.25 2.39 13.49
CA CYS C 216 5.74 3.42 12.59
C CYS C 216 7.25 3.48 12.67
N LEU C 217 7.87 3.96 11.61
CA LEU C 217 9.32 4.10 11.51
C LEU C 217 9.66 5.51 11.10
N ILE C 218 10.50 6.18 11.91
CA ILE C 218 10.88 7.56 11.67
C ILE C 218 12.39 7.62 11.52
N SER C 219 12.85 8.29 10.46
CA SER C 219 14.26 8.45 10.17
C SER C 219 14.67 9.91 10.36
N GLY C 220 15.97 10.16 10.16
CA GLY C 220 16.52 11.49 10.30
C GLY C 220 16.96 11.87 11.70
N LEU C 221 16.72 11.01 12.70
CA LEU C 221 17.13 11.31 14.06
C LEU C 221 18.65 11.26 14.18
N GLN C 222 19.18 12.07 15.08
CA GLN C 222 20.62 12.10 15.31
C GLN C 222 21.07 10.77 15.93
N PRO C 223 22.22 10.25 15.52
CA PRO C 223 22.71 8.98 16.08
C PRO C 223 23.52 9.17 17.35
N GLY C 224 23.53 8.13 18.18
CA GLY C 224 24.35 8.09 19.37
C GLY C 224 23.97 9.08 20.46
N ASN C 225 22.68 9.23 20.74
CA ASN C 225 22.24 10.09 21.82
C ASN C 225 20.85 9.65 22.27
N SER C 226 20.60 9.79 23.57
CA SER C 226 19.32 9.37 24.14
C SER C 226 18.20 10.29 23.68
N TYR C 227 16.99 9.74 23.66
CA TYR C 227 15.80 10.48 23.22
C TYR C 227 14.65 10.19 24.17
N TRP C 228 13.72 11.15 24.23
CA TRP C 228 12.44 10.96 24.89
C TRP C 228 11.34 11.38 23.92
N LEU C 229 10.26 10.60 23.86
CA LEU C 229 9.21 10.84 22.89
C LEU C 229 7.85 10.64 23.53
N GLN C 230 6.85 11.29 22.93
CA GLN C 230 5.47 11.23 23.40
C GLN C 230 4.57 11.10 22.20
N LEU C 231 3.36 10.57 22.44
CA LEU C 231 2.38 10.37 21.38
C LEU C 231 1.08 11.08 21.73
N ARG C 232 0.37 11.49 20.68
CA ARG C 232 -0.89 12.20 20.83
C ARG C 232 -1.78 11.85 19.65
N SER C 233 -3.09 11.92 19.86
CA SER C 233 -4.05 11.51 18.85
C SER C 233 -5.15 12.54 18.73
N GLU C 234 -5.80 12.56 17.54
CA GLU C 234 -6.91 13.45 17.26
C GLU C 234 -7.78 12.80 16.20
N PRO C 235 -9.09 12.79 16.37
CA PRO C 235 -9.97 12.25 15.32
C PRO C 235 -9.88 13.07 14.05
N ASP C 236 -9.99 12.38 12.91
CA ASP C 236 -10.01 13.06 11.63
C ASP C 236 -11.40 13.64 11.37
N GLY C 237 -11.43 14.91 10.97
CA GLY C 237 -12.69 15.61 10.79
C GLY C 237 -13.50 15.17 9.59
N ILE C 238 -13.10 14.06 8.97
CA ILE C 238 -13.85 13.53 7.82
C ILE C 238 -15.25 13.12 8.25
N SER C 239 -15.34 12.29 9.30
CA SER C 239 -16.62 11.85 9.82
C SER C 239 -16.83 12.22 11.28
N LEU C 240 -15.86 11.95 12.14
CA LEU C 240 -15.96 12.21 13.57
C LEU C 240 -14.97 13.30 13.95
N GLY C 241 -15.48 14.46 14.37
CA GLY C 241 -14.64 15.57 14.75
C GLY C 241 -14.12 15.44 16.18
N GLY C 242 -13.24 16.37 16.53
CA GLY C 242 -12.67 16.36 17.87
C GLY C 242 -11.44 17.26 17.94
N SER C 243 -10.57 16.94 18.89
CA SER C 243 -9.35 17.71 19.12
C SER C 243 -8.29 16.77 19.68
N TRP C 244 -7.09 17.32 19.90
CA TRP C 244 -6.00 16.53 20.44
C TRP C 244 -6.23 16.21 21.90
N GLY C 245 -5.84 15.00 22.30
CA GLY C 245 -5.85 14.63 23.70
C GLY C 245 -4.56 15.02 24.40
N SER C 246 -4.42 14.53 25.63
CA SER C 246 -3.20 14.78 26.38
C SER C 246 -2.05 13.93 25.84
N TRP C 247 -0.83 14.38 26.06
CA TRP C 247 0.34 13.61 25.67
C TRP C 247 0.48 12.38 26.54
N SER C 248 1.10 11.35 25.98
CA SER C 248 1.47 10.18 26.76
C SER C 248 2.67 10.50 27.65
N LEU C 249 2.88 9.67 28.66
CA LEU C 249 4.03 9.85 29.52
C LEU C 249 5.31 9.64 28.72
N PRO C 250 6.32 10.49 28.90
CA PRO C 250 7.55 10.35 28.10
C PRO C 250 8.22 9.02 28.34
N VAL C 251 8.79 8.46 27.28
CA VAL C 251 9.50 7.19 27.32
C VAL C 251 10.89 7.40 26.74
N THR C 252 11.91 6.91 27.44
CA THR C 252 13.30 7.12 27.05
C THR C 252 13.74 6.06 26.04
N VAL C 253 14.45 6.49 25.02
CA VAL C 253 15.00 5.62 24.00
C VAL C 253 16.45 6.00 23.75
N ASP C 254 17.33 5.00 23.70
CA ASP C 254 18.75 5.20 23.44
C ASP C 254 19.04 4.71 22.03
N LEU C 255 19.21 5.66 21.10
CA LEU C 255 19.54 5.30 19.73
C LEU C 255 20.93 4.70 19.67
N PRO C 256 21.11 3.54 19.02
CA PRO C 256 22.44 2.92 19.01
C PRO C 256 23.52 3.78 18.38
N GLY C 257 23.20 4.50 17.32
CA GLY C 257 24.21 5.29 16.63
C GLY C 257 24.80 4.57 15.44
N ASP C 258 25.98 5.02 15.05
CA ASP C 258 26.68 4.47 13.89
C ASP C 258 27.93 3.71 14.34
N ALA C 259 28.35 2.77 13.48
CA ALA C 259 29.48 1.90 13.78
C ALA C 259 30.82 2.43 13.27
N VAL C 260 30.83 3.63 12.67
CA VAL C 260 32.10 4.18 12.19
C VAL C 260 33.05 4.43 13.34
N ALA C 261 32.52 4.84 14.50
CA ALA C 261 33.36 5.05 15.67
C ALA C 261 34.11 3.79 16.07
N LEU C 262 33.58 2.62 15.73
CA LEU C 262 34.27 1.36 15.94
C LEU C 262 35.03 0.90 14.71
N GLY C 263 35.07 1.70 13.65
CA GLY C 263 35.80 1.33 12.45
C GLY C 263 35.30 0.08 11.78
N LEU C 264 33.98 -0.07 11.69
CA LEU C 264 33.41 -1.28 11.11
C LEU C 264 33.59 -1.28 9.59
N GLN C 265 33.91 -2.45 9.05
CA GLN C 265 34.02 -2.64 7.60
C GLN C 265 33.88 -4.13 7.30
N CYS C 266 32.98 -4.46 6.38
CA CYS C 266 32.71 -5.84 6.00
C CYS C 266 33.01 -6.01 4.52
N PHE C 267 33.41 -7.23 4.15
CA PHE C 267 33.70 -7.56 2.76
C PHE C 267 33.51 -9.05 2.55
N THR C 268 33.31 -9.43 1.29
CA THR C 268 33.04 -10.81 0.91
C THR C 268 34.09 -11.31 -0.06
N LEU C 269 34.30 -12.63 -0.04
CA LEU C 269 35.30 -13.29 -0.87
C LEU C 269 34.58 -14.17 -1.89
N ASP C 270 34.58 -13.75 -3.15
CA ASP C 270 34.01 -14.51 -4.26
C ASP C 270 32.53 -14.84 -4.01
N LEU C 271 31.82 -13.91 -3.37
CA LEU C 271 30.38 -14.02 -3.14
C LEU C 271 30.02 -15.31 -2.41
N LYS C 272 30.86 -15.73 -1.46
CA LYS C 272 30.62 -16.95 -0.70
C LYS C 272 30.38 -16.67 0.78
N ASN C 273 31.32 -16.00 1.44
CA ASN C 273 31.21 -15.67 2.85
C ASN C 273 31.51 -14.20 3.06
N VAL C 274 30.90 -13.63 4.09
CA VAL C 274 31.07 -12.22 4.44
C VAL C 274 31.78 -12.14 5.78
N THR C 275 32.90 -11.41 5.82
CA THR C 275 33.67 -11.23 7.04
C THR C 275 33.70 -9.74 7.41
N CYS C 276 33.67 -9.48 8.71
CA CYS C 276 33.63 -8.13 9.23
C CYS C 276 34.77 -7.92 10.22
N GLN C 277 35.19 -6.67 10.37
CA GLN C 277 36.35 -6.32 11.18
C GLN C 277 36.10 -4.98 11.84
N TRP C 278 36.54 -4.85 13.10
CA TRP C 278 36.48 -3.58 13.81
C TRP C 278 37.64 -3.52 14.79
N GLN C 279 38.07 -2.30 15.10
CA GLN C 279 39.19 -2.12 16.02
C GLN C 279 38.80 -2.58 17.41
N GLN C 280 39.74 -3.23 18.10
CA GLN C 280 39.48 -3.85 19.39
C GLN C 280 39.42 -2.77 20.47
N GLN C 281 38.22 -2.51 20.99
CA GLN C 281 38.07 -1.59 22.11
C GLN C 281 38.74 -2.17 23.35
N ASP C 282 39.47 -1.33 24.08
CA ASP C 282 40.24 -1.80 25.22
C ASP C 282 39.34 -2.18 26.39
N HIS C 283 39.67 -3.29 27.03
CA HIS C 283 38.98 -3.77 28.24
C HIS C 283 37.48 -3.92 28.00
N ALA C 284 37.11 -4.50 26.86
CA ALA C 284 35.70 -4.66 26.53
C ALA C 284 35.55 -5.75 25.50
N SER C 285 34.82 -6.81 25.85
CA SER C 285 34.49 -7.85 24.89
C SER C 285 33.38 -7.37 23.95
N SER C 286 33.25 -8.04 22.82
CA SER C 286 32.25 -7.64 21.84
C SER C 286 31.83 -8.84 21.01
N GLN C 287 30.64 -8.75 20.45
CA GLN C 287 30.10 -9.76 19.54
C GLN C 287 29.34 -9.06 18.43
N GLY C 288 29.39 -9.65 17.25
CA GLY C 288 28.74 -9.08 16.06
C GLY C 288 27.53 -9.90 15.66
N PHE C 289 26.48 -9.20 15.23
CA PHE C 289 25.25 -9.84 14.78
C PHE C 289 24.98 -9.46 13.33
N PHE C 290 24.22 -10.33 12.65
CA PHE C 290 23.86 -10.11 11.26
C PHE C 290 22.40 -10.46 11.06
N TYR C 291 21.77 -9.78 10.10
CA TYR C 291 20.35 -9.96 9.84
C TYR C 291 20.10 -9.72 8.35
N HIS C 292 19.27 -10.56 7.76
CA HIS C 292 18.95 -10.51 6.34
C HIS C 292 17.49 -10.12 6.14
N SER C 293 17.23 -9.36 5.08
CA SER C 293 15.86 -8.95 4.78
C SER C 293 15.75 -8.63 3.30
N ARG C 294 14.55 -8.84 2.76
CA ARG C 294 14.21 -8.45 1.40
C ARG C 294 13.62 -7.04 1.45
N ALA C 295 13.00 -6.59 0.35
CA ALA C 295 12.36 -5.28 0.32
C ALA C 295 11.25 -5.13 1.36
N ARG C 296 10.91 -6.19 2.10
CA ARG C 296 9.96 -6.11 3.21
C ARG C 296 10.65 -5.44 4.40
N CYS C 297 10.90 -4.13 4.23
CA CYS C 297 11.60 -3.36 5.25
C CYS C 297 10.69 -2.86 6.36
N CYS C 298 9.38 -3.06 6.23
CA CYS C 298 8.45 -2.53 7.22
C CYS C 298 8.52 -3.34 8.52
N PRO C 299 8.74 -2.71 9.66
CA PRO C 299 8.86 -3.47 10.91
C PRO C 299 7.52 -4.02 11.37
N ARG C 300 7.61 -5.08 12.17
CA ARG C 300 6.43 -5.70 12.79
C ARG C 300 6.89 -6.29 14.12
N ASP C 301 6.62 -5.58 15.20
CA ASP C 301 7.09 -5.93 16.55
C ASP C 301 8.62 -6.00 16.48
N ARG C 302 9.26 -6.95 17.17
CA ARG C 302 10.71 -7.11 17.09
C ARG C 302 11.03 -7.77 15.76
N TYR C 303 11.24 -6.94 14.74
CA TYR C 303 11.47 -7.40 13.37
C TYR C 303 12.90 -7.89 13.15
N PRO C 304 13.94 -7.15 13.54
CA PRO C 304 15.31 -7.65 13.30
C PRO C 304 15.61 -8.88 14.14
N ILE C 305 15.92 -9.98 13.47
CA ILE C 305 16.26 -11.24 14.11
C ILE C 305 17.77 -11.40 14.02
N TRP C 306 18.48 -10.96 15.05
CA TRP C 306 19.93 -11.00 15.04
C TRP C 306 20.43 -12.43 15.22
N GLU C 307 21.55 -12.74 14.54
CA GLU C 307 22.19 -14.04 14.63
C GLU C 307 23.64 -13.85 15.04
N ASN C 308 24.10 -14.69 15.97
CA ASN C 308 25.44 -14.53 16.52
C ASN C 308 26.50 -14.90 15.49
N CYS C 309 27.66 -14.26 15.61
CA CYS C 309 28.78 -14.52 14.72
C CYS C 309 29.68 -15.61 15.31
N GLU C 310 30.75 -15.92 14.59
CA GLU C 310 31.69 -16.96 15.00
C GLU C 310 33.09 -16.38 15.08
N GLU C 311 33.84 -16.82 16.09
CA GLU C 311 35.19 -16.31 16.31
C GLU C 311 36.12 -16.82 15.22
N GLU C 312 36.42 -15.96 14.25
CA GLU C 312 37.29 -16.35 13.15
C GLU C 312 38.74 -16.45 13.62
N GLU C 313 39.57 -17.10 12.81
CA GLU C 313 40.98 -17.26 13.11
C GLU C 313 41.79 -17.46 11.84
N GLN C 323 43.28 -3.05 18.82
CA GLN C 323 43.99 -4.11 18.12
C GLN C 323 43.25 -4.56 16.88
N PHE C 324 42.52 -5.67 17.00
CA PHE C 324 41.77 -6.20 15.86
C PHE C 324 40.65 -7.09 16.37
N SER C 325 39.68 -7.36 15.48
CA SER C 325 38.58 -8.26 15.77
C SER C 325 38.07 -8.79 14.44
N ARG C 326 37.32 -9.89 14.51
CA ARG C 326 36.93 -10.56 13.28
C ARG C 326 35.62 -11.30 13.48
N CYS C 327 34.91 -11.50 12.38
CA CYS C 327 33.68 -12.29 12.35
C CYS C 327 33.49 -12.83 10.94
N HIS C 328 32.64 -13.83 10.81
CA HIS C 328 32.34 -14.42 9.51
C HIS C 328 31.07 -15.26 9.63
N PHE C 329 30.29 -15.29 8.56
CA PHE C 329 29.08 -16.11 8.54
C PHE C 329 28.71 -16.40 7.10
N LYS C 330 27.89 -17.45 6.92
CA LYS C 330 27.40 -17.84 5.62
C LYS C 330 26.29 -16.88 5.20
N SER C 331 26.65 -15.86 4.44
CA SER C 331 25.68 -14.85 4.04
C SER C 331 24.71 -15.40 3.01
N ARG C 332 23.53 -14.76 2.93
CA ARG C 332 22.52 -15.14 1.97
C ARG C 332 22.81 -14.43 0.63
N ASN C 333 21.88 -14.54 -0.32
CA ASN C 333 22.06 -13.96 -1.64
C ASN C 333 20.92 -13.01 -1.98
N ASP C 334 21.14 -12.16 -2.99
CA ASP C 334 20.16 -11.19 -3.50
C ASP C 334 19.34 -10.52 -2.41
N SER C 335 20.01 -10.04 -1.36
CA SER C 335 19.33 -9.40 -0.25
C SER C 335 20.29 -8.45 0.44
N ILE C 336 19.73 -7.54 1.22
CA ILE C 336 20.51 -6.59 2.01
C ILE C 336 20.78 -7.19 3.37
N ILE C 337 21.98 -6.94 3.89
CA ILE C 337 22.38 -7.45 5.19
C ILE C 337 22.61 -6.27 6.13
N HIS C 338 22.46 -6.54 7.42
CA HIS C 338 22.64 -5.54 8.47
C HIS C 338 23.61 -6.09 9.50
N ILE C 339 24.54 -5.25 9.95
CA ILE C 339 25.57 -5.63 10.89
C ILE C 339 25.41 -4.80 12.16
N LEU C 340 25.37 -5.47 13.30
CA LEU C 340 25.31 -4.82 14.60
C LEU C 340 26.48 -5.30 15.44
N VAL C 341 27.18 -4.36 16.06
CA VAL C 341 28.29 -4.66 16.95
C VAL C 341 28.02 -4.02 18.30
N GLU C 342 28.11 -4.82 19.36
CA GLU C 342 27.84 -4.35 20.71
C GLU C 342 29.07 -4.57 21.57
N VAL C 343 29.41 -3.55 22.37
CA VAL C 343 30.63 -3.54 23.17
C VAL C 343 30.26 -3.43 24.64
N THR C 344 30.78 -4.34 25.45
CA THR C 344 30.53 -4.34 26.90
C THR C 344 31.73 -3.69 27.58
N THR C 345 31.69 -2.36 27.67
CA THR C 345 32.77 -1.62 28.31
C THR C 345 32.88 -1.94 29.79
N ALA C 346 31.75 -2.11 30.46
CA ALA C 346 31.71 -2.44 31.88
C ALA C 346 30.73 -3.58 32.09
N PRO C 347 30.93 -4.39 33.13
CA PRO C 347 29.98 -5.49 33.39
C PRO C 347 28.59 -4.96 33.66
N GLY C 348 27.59 -5.67 33.12
CA GLY C 348 26.21 -5.30 33.30
C GLY C 348 25.69 -4.25 32.35
N THR C 349 26.53 -3.70 31.47
CA THR C 349 26.11 -2.70 30.51
C THR C 349 26.79 -2.96 29.18
N VAL C 350 26.19 -2.44 28.11
CA VAL C 350 26.69 -2.65 26.76
C VAL C 350 26.25 -1.48 25.89
N HIS C 351 27.14 -1.05 25.00
CA HIS C 351 26.83 -0.01 24.02
C HIS C 351 26.60 -0.66 22.66
N SER C 352 25.46 -0.36 22.05
CA SER C 352 25.10 -0.93 20.76
C SER C 352 25.49 0.03 19.65
N TYR C 353 26.20 -0.49 18.65
CA TYR C 353 26.57 0.27 17.47
C TYR C 353 26.11 -0.47 16.23
N LEU C 354 25.68 0.29 15.23
CA LEU C 354 25.10 -0.28 14.02
C LEU C 354 25.78 0.29 12.79
N GLY C 355 26.04 -0.57 11.82
CA GLY C 355 26.70 -0.17 10.59
C GLY C 355 25.74 -0.04 9.42
N SER C 356 26.16 0.75 8.43
CA SER C 356 25.30 1.02 7.29
C SER C 356 25.04 -0.25 6.49
N PRO C 357 23.79 -0.59 6.21
CA PRO C 357 23.50 -1.80 5.43
C PRO C 357 23.95 -1.65 3.98
N PHE C 358 24.24 -2.79 3.37
CA PHE C 358 24.73 -2.82 1.99
C PHE C 358 24.36 -4.15 1.35
N TRP C 359 24.36 -4.15 0.01
CA TRP C 359 24.15 -5.38 -0.73
C TRP C 359 25.43 -6.23 -0.72
N ILE C 360 25.24 -7.53 -0.90
CA ILE C 360 26.36 -8.46 -0.79
C ILE C 360 27.37 -8.23 -1.91
N HIS C 361 26.90 -7.88 -3.09
CA HIS C 361 27.76 -7.76 -4.26
C HIS C 361 28.44 -6.40 -4.38
N GLN C 362 28.18 -5.48 -3.45
CA GLN C 362 28.73 -4.14 -3.53
C GLN C 362 30.07 -3.98 -2.81
N ALA C 363 30.51 -4.98 -2.04
CA ALA C 363 31.73 -4.87 -1.24
C ALA C 363 32.57 -6.14 -1.41
N VAL C 364 32.74 -6.58 -2.64
CA VAL C 364 33.54 -7.78 -2.91
C VAL C 364 35.02 -7.45 -2.73
N ARG C 365 35.72 -8.28 -1.96
CA ARG C 365 37.13 -8.08 -1.65
C ARG C 365 37.97 -8.86 -2.65
N LEU C 366 38.77 -8.14 -3.44
CA LEU C 366 39.65 -8.77 -4.42
C LEU C 366 41.06 -8.85 -3.86
N PRO C 367 41.64 -10.05 -3.74
CA PRO C 367 43.06 -10.14 -3.38
C PRO C 367 43.93 -9.47 -4.44
N THR C 368 45.05 -8.92 -3.99
CA THR C 368 45.92 -8.18 -4.90
C THR C 368 46.50 -9.13 -5.95
N PRO C 369 46.53 -8.72 -7.22
CA PRO C 369 47.07 -9.58 -8.26
C PRO C 369 48.58 -9.46 -8.43
N ASN C 370 49.14 -10.18 -9.40
CA ASN C 370 50.57 -10.12 -9.66
C ASN C 370 50.91 -8.84 -10.44
N LEU C 371 52.21 -8.64 -10.67
CA LEU C 371 52.70 -7.43 -11.30
C LEU C 371 53.72 -7.79 -12.37
N HIS C 372 53.66 -7.07 -13.50
CA HIS C 372 54.65 -7.18 -14.55
C HIS C 372 55.05 -5.77 -14.99
N TRP C 373 56.33 -5.44 -14.83
CA TRP C 373 56.81 -4.10 -15.13
C TRP C 373 58.20 -4.18 -15.76
N ARG C 374 58.56 -3.11 -16.47
CA ARG C 374 59.87 -3.00 -17.06
C ARG C 374 60.30 -1.54 -17.00
N GLU C 375 61.61 -1.34 -16.94
CA GLU C 375 62.17 0.02 -16.85
C GLU C 375 62.36 0.62 -18.24
N HIS C 380 59.44 6.85 -18.26
CA HIS C 380 58.48 5.98 -18.92
C HIS C 380 58.59 4.55 -18.41
N LEU C 381 57.45 3.95 -18.07
CA LEU C 381 57.41 2.59 -17.56
C LEU C 381 56.27 1.84 -18.23
N GLU C 382 56.40 0.51 -18.27
CA GLU C 382 55.40 -0.37 -18.85
C GLU C 382 54.66 -1.10 -17.73
N LEU C 383 53.33 -1.09 -17.80
CA LEU C 383 52.49 -1.66 -16.76
C LEU C 383 51.72 -2.87 -17.30
N GLU C 384 51.67 -3.93 -16.50
CA GLU C 384 50.91 -5.12 -16.86
C GLU C 384 50.54 -5.86 -15.58
N TRP C 385 49.40 -6.54 -15.62
CA TRP C 385 48.92 -7.28 -14.47
C TRP C 385 48.01 -8.41 -14.93
N GLN C 386 47.82 -9.39 -14.04
CA GLN C 386 46.99 -10.57 -14.30
C GLN C 386 45.85 -10.57 -13.29
N HIS C 387 44.65 -10.23 -13.75
CA HIS C 387 43.52 -10.10 -12.85
C HIS C 387 43.18 -11.45 -12.23
N PRO C 388 42.89 -11.50 -10.91
CA PRO C 388 42.62 -12.79 -10.26
C PRO C 388 41.35 -13.47 -10.75
N SER C 389 40.23 -12.76 -10.71
CA SER C 389 38.93 -13.30 -11.13
C SER C 389 38.47 -12.51 -12.34
N SER C 390 38.69 -13.06 -13.52
CA SER C 390 38.56 -12.33 -14.78
C SER C 390 37.11 -12.25 -15.27
N TRP C 391 36.13 -12.39 -14.38
CA TRP C 391 34.73 -12.22 -14.78
C TRP C 391 34.50 -10.82 -15.33
N ALA C 392 35.03 -9.81 -14.66
CA ALA C 392 34.95 -8.41 -15.07
C ALA C 392 36.32 -7.76 -14.96
N ALA C 393 37.33 -8.42 -15.51
CA ALA C 393 38.72 -8.00 -15.32
C ALA C 393 38.96 -6.59 -15.84
N GLN C 394 38.39 -6.25 -17.00
CA GLN C 394 38.60 -4.92 -17.55
C GLN C 394 38.03 -3.85 -16.64
N GLU C 395 36.84 -4.09 -16.08
CA GLU C 395 36.17 -3.11 -15.22
C GLU C 395 36.68 -3.25 -13.79
N THR C 396 37.90 -2.76 -13.57
CA THR C 396 38.52 -2.77 -12.25
C THR C 396 39.51 -1.62 -12.17
N CYS C 397 39.45 -0.86 -11.09
CA CYS C 397 40.31 0.31 -10.90
C CYS C 397 41.59 -0.11 -10.21
N TYR C 398 42.73 0.14 -10.87
CA TYR C 398 44.05 -0.18 -10.32
C TYR C 398 44.79 1.13 -10.07
N GLN C 399 44.58 1.71 -8.90
CA GLN C 399 45.42 2.84 -8.50
C GLN C 399 46.82 2.33 -8.18
N LEU C 400 47.81 3.17 -8.46
CA LEU C 400 49.20 2.75 -8.29
C LEU C 400 50.01 3.86 -7.65
N ARG C 401 51.15 3.48 -7.09
CA ARG C 401 52.10 4.38 -6.49
C ARG C 401 53.43 4.29 -7.23
N TYR C 402 54.23 5.35 -7.12
CA TYR C 402 55.53 5.41 -7.77
C TYR C 402 56.50 6.19 -6.89
N THR C 403 57.74 5.75 -6.85
CA THR C 403 58.78 6.40 -6.05
C THR C 403 60.14 6.26 -6.70
N TRP C 410 54.45 7.91 -0.94
CA TRP C 410 54.39 7.40 -2.30
C TRP C 410 53.01 7.64 -2.91
N LYS C 411 52.95 8.57 -3.86
CA LYS C 411 51.70 8.91 -4.54
C LYS C 411 51.94 8.95 -6.04
N VAL C 412 50.91 8.57 -6.80
CA VAL C 412 50.98 8.57 -8.25
C VAL C 412 49.56 8.63 -8.80
N LEU C 413 49.42 9.05 -10.05
CA LEU C 413 48.12 9.14 -10.68
C LEU C 413 47.53 7.75 -10.90
N GLU C 414 46.20 7.66 -10.81
CA GLU C 414 45.51 6.40 -10.99
C GLU C 414 45.02 6.29 -12.42
N PRO C 415 45.55 5.37 -13.23
CA PRO C 415 45.10 5.27 -14.61
C PRO C 415 43.66 4.77 -14.67
N PRO C 416 42.94 5.11 -15.74
CA PRO C 416 41.55 4.64 -15.87
C PRO C 416 41.50 3.14 -16.09
N LEU C 417 40.33 2.57 -15.77
CA LEU C 417 40.11 1.15 -15.93
C LEU C 417 39.85 0.81 -17.40
N GLY C 418 39.50 -0.44 -17.65
CA GLY C 418 39.20 -0.90 -18.99
C GLY C 418 40.31 -1.63 -19.72
N ALA C 419 41.37 -2.04 -19.02
CA ALA C 419 42.47 -2.73 -19.66
C ALA C 419 43.18 -3.59 -18.62
N ARG C 420 43.98 -4.53 -19.12
CA ARG C 420 44.81 -5.39 -18.29
C ARG C 420 46.24 -4.89 -18.18
N GLY C 421 46.54 -3.73 -18.76
CA GLY C 421 47.87 -3.17 -18.70
C GLY C 421 47.83 -1.67 -18.87
N GLY C 422 49.01 -1.10 -19.08
CA GLY C 422 49.11 0.33 -19.26
C GLY C 422 50.55 0.78 -19.25
N THR C 423 50.74 2.09 -19.06
CA THR C 423 52.06 2.69 -18.99
C THR C 423 52.05 3.82 -17.99
N LEU C 424 53.22 4.12 -17.45
CA LEU C 424 53.40 5.20 -16.47
C LEU C 424 54.55 6.09 -16.91
N GLU C 425 54.35 7.40 -16.76
CA GLU C 425 55.38 8.37 -17.12
C GLU C 425 56.27 8.68 -15.93
N ARG C 431 66.44 2.54 -10.69
CA ARG C 431 65.63 1.84 -9.69
C ARG C 431 64.41 2.67 -9.30
N TYR C 432 63.33 1.99 -8.93
CA TYR C 432 62.10 2.66 -8.53
C TYR C 432 61.32 1.75 -7.61
N ARG C 433 60.37 2.35 -6.89
CA ARG C 433 59.47 1.63 -6.00
C ARG C 433 58.04 1.77 -6.51
N LEU C 434 57.29 0.67 -6.46
CA LEU C 434 55.95 0.63 -7.01
C LEU C 434 54.99 -0.01 -6.02
N GLN C 435 53.72 0.33 -6.16
CA GLN C 435 52.64 -0.24 -5.37
C GLN C 435 51.35 -0.09 -6.17
N LEU C 436 50.37 -0.91 -5.84
CA LEU C 436 49.09 -0.86 -6.54
C LEU C 436 47.98 -1.35 -5.61
N ARG C 437 46.75 -1.19 -6.06
CA ARG C 437 45.58 -1.73 -5.39
C ARG C 437 44.59 -2.19 -6.46
N ALA C 438 43.43 -2.66 -6.03
CA ALA C 438 42.44 -3.17 -6.96
C ALA C 438 41.05 -2.96 -6.36
N ARG C 439 40.34 -1.94 -6.84
CA ARG C 439 38.96 -1.69 -6.43
C ARG C 439 38.03 -2.32 -7.47
N LEU C 440 37.20 -3.26 -7.03
CA LEU C 440 36.21 -3.86 -7.91
C LEU C 440 35.15 -2.81 -8.20
N ASN C 441 35.24 -2.18 -9.37
CA ASN C 441 34.31 -1.12 -9.76
C ASN C 441 33.72 -1.48 -11.13
N GLY C 442 32.44 -1.78 -11.15
CA GLY C 442 31.75 -2.10 -12.38
C GLY C 442 30.27 -1.80 -12.30
N PRO C 443 29.61 -1.67 -13.45
CA PRO C 443 28.16 -1.42 -13.43
C PRO C 443 27.36 -2.53 -12.77
N THR C 444 27.83 -3.78 -12.86
CA THR C 444 27.11 -4.91 -12.29
C THR C 444 27.62 -5.33 -10.92
N TYR C 445 28.91 -5.11 -10.63
CA TYR C 445 29.50 -5.49 -9.36
C TYR C 445 30.37 -4.36 -8.83
N GLN C 446 30.44 -4.26 -7.50
CA GLN C 446 31.19 -3.21 -6.83
C GLN C 446 32.00 -3.80 -5.69
N GLY C 447 33.01 -3.04 -5.27
CA GLY C 447 33.87 -3.44 -4.18
C GLY C 447 34.70 -2.29 -3.63
N PRO C 448 35.27 -2.47 -2.43
CA PRO C 448 36.09 -1.42 -1.84
C PRO C 448 37.55 -1.51 -2.25
N TRP C 449 38.39 -0.63 -1.68
CA TRP C 449 39.84 -0.67 -1.91
C TRP C 449 40.45 -1.80 -1.08
N SER C 450 40.09 -3.03 -1.45
CA SER C 450 40.50 -4.20 -0.69
C SER C 450 41.88 -4.69 -1.13
N SER C 451 42.66 -5.14 -0.15
CA SER C 451 43.93 -5.83 -0.37
C SER C 451 44.91 -4.98 -1.16
N TRP C 452 45.34 -3.87 -0.57
CA TRP C 452 46.39 -3.07 -1.17
C TRP C 452 47.69 -3.88 -1.21
N SER C 453 48.37 -3.82 -2.35
CA SER C 453 49.47 -4.73 -2.63
C SER C 453 50.67 -4.46 -1.72
N ASP C 454 51.48 -5.50 -1.53
CA ASP C 454 52.75 -5.37 -0.85
C ASP C 454 53.70 -4.52 -1.70
N PRO C 455 54.69 -3.90 -1.07
CA PRO C 455 55.62 -3.06 -1.85
C PRO C 455 56.31 -3.85 -2.94
N THR C 456 56.46 -3.21 -4.10
CA THR C 456 57.02 -3.84 -5.29
C THR C 456 58.03 -2.91 -5.93
N ARG C 457 58.96 -3.51 -6.68
CA ARG C 457 59.98 -2.73 -7.39
C ARG C 457 59.46 -2.28 -8.75
C1 NAG D . -45.48 -38.28 1.20
C2 NAG D . -46.96 -38.47 0.92
C3 NAG D . -47.76 -37.29 1.47
C4 NAG D . -47.45 -37.07 2.93
C5 NAG D . -45.94 -36.91 3.12
C6 NAG D . -45.53 -36.77 4.57
C7 NAG D . -47.19 -39.84 -1.11
C8 NAG D . -47.46 -39.83 -2.58
N2 NAG D . -47.22 -38.65 -0.51
O3 NAG D . -49.16 -37.55 1.30
O4 NAG D . -48.11 -35.90 3.41
O5 NAG D . -45.26 -38.05 2.60
O6 NAG D . -46.07 -37.83 5.36
O7 NAG D . -46.94 -40.87 -0.50
C1 NAG E . 12.15 23.05 -33.71
C2 NAG E . 12.51 24.54 -33.67
C3 NAG E . 11.73 25.31 -34.72
C4 NAG E . 11.90 24.67 -36.10
C5 NAG E . 11.54 23.20 -36.03
C6 NAG E . 11.77 22.46 -37.33
C7 NAG E . 11.09 25.19 -31.74
C8 NAG E . 11.09 25.82 -30.39
N2 NAG E . 12.29 25.12 -32.35
O3 NAG E . 12.17 26.66 -34.76
O4 NAG E . 11.07 25.32 -37.05
O5 NAG E . 12.34 22.54 -35.04
O6 NAG E . 12.33 21.17 -37.10
O7 NAG E . 10.06 24.77 -32.27
C1 NAG F . 10.11 25.37 -20.26
C2 NAG F . 10.96 25.71 -19.03
C3 NAG F . 10.82 27.20 -18.71
C4 NAG F . 11.16 28.04 -19.93
C5 NAG F . 10.31 27.60 -21.12
C6 NAG F . 10.68 28.31 -22.41
C7 NAG F . 11.14 23.71 -17.63
C8 NAG F . 10.63 23.01 -16.40
N2 NAG F . 10.59 24.90 -17.89
O3 NAG F . 11.70 27.53 -17.64
O4 NAG F . 10.91 29.43 -19.66
O5 NAG F . 10.49 26.21 -21.36
O6 NAG F . 11.95 27.89 -22.88
O7 NAG F . 12.01 23.23 -18.35
C1 MAN G . -11.52 -20.28 -4.66
C2 MAN G . -11.73 -20.22 -3.15
C3 MAN G . -10.51 -20.66 -2.34
C4 MAN G . -9.88 -21.88 -2.97
C5 MAN G . -9.50 -21.55 -4.40
C6 MAN G . -8.67 -22.67 -5.03
O2 MAN G . -12.83 -21.08 -2.81
O3 MAN G . -10.90 -20.97 -1.00
O4 MAN G . -8.70 -22.28 -2.24
O5 MAN G . -10.71 -21.36 -5.14
O6 MAN G . -8.21 -22.25 -6.32
C1 MAN H . -7.83 -22.52 -14.34
C2 MAN H . -9.07 -23.05 -13.62
C3 MAN H . -8.74 -23.94 -12.43
C4 MAN H . -7.66 -24.95 -12.82
C5 MAN H . -6.43 -24.19 -13.28
C6 MAN H . -5.27 -25.14 -13.54
O2 MAN H . -9.86 -23.80 -14.55
O3 MAN H . -9.91 -24.63 -12.01
O4 MAN H . -7.34 -25.76 -11.68
O5 MAN H . -6.77 -23.48 -14.47
O6 MAN H . -4.11 -24.39 -13.93
C1 MAN I . 26.80 10.19 -22.31
C2 MAN I . 25.91 9.69 -21.18
C3 MAN I . 26.09 8.21 -20.89
C4 MAN I . 26.10 7.44 -22.21
C5 MAN I . 27.27 7.94 -23.03
C6 MAN I . 27.46 7.07 -24.27
O2 MAN I . 24.54 9.94 -21.52
O3 MAN I . 24.99 7.74 -20.09
O4 MAN I . 26.24 6.03 -21.95
O5 MAN I . 27.01 9.29 -23.40
O6 MAN I . 28.61 7.52 -25.00
C1 NAG J . -40.61 27.12 35.69
C2 NAG J . -41.93 27.02 36.47
C3 NAG J . -42.84 25.97 35.83
C4 NAG J . -43.03 26.26 34.35
C5 NAG J . -41.67 26.38 33.66
C6 NAG J . -41.79 26.79 32.21
C7 NAG J . -41.43 27.62 38.80
C8 NAG J . -41.21 27.11 40.19
N2 NAG J . -41.69 26.70 37.86
O3 NAG J . -44.10 25.97 36.49
O4 NAG J . -43.78 25.22 33.74
O5 NAG J . -40.88 27.40 34.31
O6 NAG J . -40.75 26.21 31.43
O7 NAG J . -41.38 28.82 38.52
C1 NAG K . 31.80 -19.86 5.43
C2 NAG K . 32.73 -20.92 4.84
C3 NAG K . 32.32 -22.31 5.32
C4 NAG K . 32.27 -22.35 6.85
C5 NAG K . 31.35 -21.24 7.36
C6 NAG K . 31.33 -21.14 8.87
C7 NAG K . 33.74 -20.42 2.67
C8 NAG K . 33.55 -20.43 1.18
N2 NAG K . 32.71 -20.86 3.39
O3 NAG K . 33.26 -23.27 4.85
O4 NAG K . 31.77 -23.61 7.29
O5 NAG K . 31.80 -19.97 6.88
O6 NAG K . 30.57 -22.20 9.44
O7 NAG K . 34.78 -20.02 3.19
C1 NAG L . 24.95 -16.10 -5.01
C2 NAG L . 25.93 -17.18 -4.56
C3 NAG L . 27.10 -17.30 -5.53
C4 NAG L . 26.59 -17.50 -6.95
C5 NAG L . 25.60 -16.40 -7.32
C6 NAG L . 24.96 -16.59 -8.68
C7 NAG L . 25.77 -17.26 -2.11
C8 NAG L . 26.43 -16.90 -0.81
N2 NAG L . 26.43 -16.90 -3.21
O3 NAG L . 27.93 -18.39 -5.16
O4 NAG L . 27.67 -17.48 -7.88
O5 NAG L . 24.52 -16.38 -6.36
O6 NAG L . 23.57 -16.86 -8.57
O7 NAG L . 24.70 -17.85 -2.15
C1 MAN M . -5.51 20.27 18.85
C2 MAN M . -6.23 21.13 17.81
C3 MAN M . -5.42 22.32 17.32
C4 MAN M . -4.70 22.98 18.49
C5 MAN M . -3.82 21.94 19.14
C6 MAN M . -2.90 22.57 20.19
O2 MAN M . -7.46 21.60 18.39
O3 MAN M . -6.30 23.27 16.70
O4 MAN M . -3.90 24.06 18.00
O5 MAN M . -4.67 20.99 19.76
O6 MAN M . -3.70 23.09 21.26
C1 MAN N . 0.81 17.66 26.66
C2 MAN N . -0.66 18.11 26.66
C3 MAN N . -0.84 19.59 26.40
C4 MAN N . 0.17 20.39 27.22
C5 MAN N . 1.57 19.94 26.81
C6 MAN N . 2.64 20.82 27.43
O2 MAN N . -1.24 17.77 27.92
O3 MAN N . -2.16 19.99 26.78
O4 MAN N . 0.02 21.79 26.96
O5 MAN N . 1.74 18.59 27.22
O6 MAN N . 3.94 20.41 26.97
C1 MAN O . 38.79 3.62 -1.46
C2 MAN O . 37.27 3.63 -1.68
C3 MAN O . 36.77 4.96 -2.21
C4 MAN O . 37.40 6.12 -1.46
C5 MAN O . 38.91 6.02 -1.63
C6 MAN O . 39.61 7.24 -1.04
O2 MAN O . 36.63 3.36 -0.43
O3 MAN O . 35.34 5.03 -2.05
O4 MAN O . 36.93 7.36 -1.98
O5 MAN O . 39.36 4.84 -0.97
O6 MAN O . 41.03 7.08 -1.14
#